data_4RNX
#
_entry.id   4RNX
#
_cell.length_a   44.087
_cell.length_b   57.982
_cell.length_c   85.900
_cell.angle_alpha   102.46
_cell.angle_beta   98.36
_cell.angle_gamma   111.19
#
_symmetry.space_group_name_H-M   'P 1'
#
loop_
_entity.id
_entity.type
_entity.pdbx_description
1 polymer 'NADPH dehydrogenase 1'
2 non-polymer 'FLAVIN MONONUCLEOTIDE'
3 non-polymer 1,2-ETHANEDIOL
4 water water
#
_entity_poly.entity_id   1
_entity_poly.type   'polypeptide(L)'
_entity_poly.pdbx_seq_one_letter_code
;MKANNPQHSLTKDEIKQYIKEYVQAAKNSIAAGADGVEIHSANGYLLNQFLDPHSNTRTDEYGGSIENRARFTLEVVDAL
VEAIGHEKVGLRLSPYGVFNSMSGGAETGIVAQYAYVAGELEKRAKAGKRLAFVHLVEPRVTNPFLTEGEGEYEGGSNDF
VYSIWKGPVIRAGNFALHPEVVREEVKDKRTLIGYGRFFISNPDLVDRLEKGLPLNKYDRDTFYQMSAHGYIDYPTYEEA
LKLGWGTSSFVKDFKPQALGDTNLFKPIKIGNNELLHRAVIPPLTRMRALHPGNIPNRDWAVEYYTQRAQRPGTMIITEG
AFISPQAGGYDNAPGVWSEEQMVEWTKIFNAIHEKKSFVWVQLWVLGWAAFPDNLARDGLRYDSASDNVFMDAEQEAKAK
;
_entity_poly.pdbx_strand_id   A,B
#
# COMPACT_ATOMS: atom_id res chain seq x y z
N ALA A 3 28.86 25.51 -14.39
CA ALA A 3 28.53 24.60 -15.48
C ALA A 3 28.13 25.37 -16.74
N ASN A 4 28.49 24.82 -17.90
CA ASN A 4 28.13 25.44 -19.17
C ASN A 4 26.63 25.42 -19.41
N ASN A 5 25.98 24.36 -18.93
CA ASN A 5 24.53 24.22 -19.05
C ASN A 5 23.97 23.77 -17.71
N PRO A 6 23.87 24.70 -16.74
CA PRO A 6 23.46 24.37 -15.38
C PRO A 6 22.04 23.84 -15.31
N GLN A 7 21.82 22.87 -14.42
CA GLN A 7 20.50 22.28 -14.24
C GLN A 7 19.48 23.36 -13.91
N HIS A 8 18.36 23.31 -14.62
CA HIS A 8 17.35 24.34 -14.57
C HIS A 8 16.04 23.81 -13.98
N SER A 9 15.49 24.51 -12.99
CA SER A 9 14.19 24.16 -12.45
C SER A 9 13.09 24.70 -13.35
N LEU A 10 12.23 23.80 -13.84
CA LEU A 10 11.18 24.19 -14.78
C LEU A 10 10.21 25.23 -14.22
N THR A 11 9.87 26.21 -15.04
CA THR A 11 8.81 27.14 -14.71
C THR A 11 7.47 26.48 -15.07
N LYS A 12 6.38 27.03 -14.54
CA LYS A 12 5.06 26.51 -14.86
C LYS A 12 4.77 26.56 -16.36
N ASP A 13 5.19 27.63 -17.03
CA ASP A 13 5.00 27.75 -18.46
C ASP A 13 5.77 26.67 -19.23
N GLU A 14 6.95 26.32 -18.74
CA GLU A 14 7.76 25.29 -19.38
C GLU A 14 7.16 23.91 -19.17
N ILE A 15 6.54 23.70 -18.02
CA ILE A 15 5.79 22.48 -17.77
C ILE A 15 4.61 22.38 -18.76
N LYS A 16 3.89 23.48 -18.92
CA LYS A 16 2.79 23.52 -19.88
C LYS A 16 3.24 23.20 -21.30
N GLN A 17 4.44 23.68 -21.65
CA GLN A 17 4.99 23.43 -22.98
C GLN A 17 5.29 21.94 -23.17
N TYR A 18 5.84 21.31 -22.15
CA TYR A 18 6.05 19.86 -22.20
C TYR A 18 4.74 19.13 -22.40
N ILE A 19 3.69 19.55 -21.68
CA ILE A 19 2.39 18.92 -21.82
C ILE A 19 1.87 19.06 -23.26
N LYS A 20 2.02 20.24 -23.83
CA LYS A 20 1.66 20.48 -25.22
C LYS A 20 2.39 19.51 -26.16
N GLU A 21 3.66 19.28 -25.86
CA GLU A 21 4.49 18.38 -26.67
C GLU A 21 4.08 16.91 -26.49
N TYR A 22 3.70 16.53 -25.27
CA TYR A 22 3.19 15.18 -25.05
C TYR A 22 1.94 14.95 -25.90
N VAL A 23 1.05 15.94 -25.91
CA VAL A 23 -0.19 15.84 -26.66
C VAL A 23 0.09 15.68 -28.15
N GLN A 24 0.97 16.52 -28.68
CA GLN A 24 1.31 16.44 -30.11
C GLN A 24 2.00 15.13 -30.46
N ALA A 25 2.88 14.67 -29.58
CA ALA A 25 3.60 13.41 -29.80
C ALA A 25 2.63 12.24 -29.83
N ALA A 26 1.65 12.28 -28.95
CA ALA A 26 0.62 11.23 -28.89
C ALA A 26 -0.20 11.23 -30.19
N LYS A 27 -0.62 12.41 -30.62
CA LYS A 27 -1.35 12.54 -31.87
C LYS A 27 -0.53 12.04 -33.05
N ASN A 28 0.76 12.39 -33.09
CA ASN A 28 1.63 11.92 -34.15
C ASN A 28 1.70 10.40 -34.18
N SER A 29 1.83 9.81 -33.01
CA SER A 29 1.97 8.36 -32.89
C SER A 29 0.72 7.65 -33.43
N ILE A 30 -0.44 8.10 -32.99
CA ILE A 30 -1.70 7.51 -33.44
C ILE A 30 -1.89 7.68 -34.94
N ALA A 31 -1.58 8.87 -35.45
CA ALA A 31 -1.74 9.15 -36.87
C ALA A 31 -0.86 8.25 -37.73
N ALA A 32 0.30 7.87 -37.21
CA ALA A 32 1.24 7.00 -37.92
C ALA A 32 0.86 5.53 -37.81
N GLY A 33 -0.14 5.22 -36.99
CA GLY A 33 -0.65 3.86 -36.88
C GLY A 33 -0.49 3.17 -35.54
N ALA A 34 0.06 3.86 -34.54
CA ALA A 34 0.22 3.23 -33.23
C ALA A 34 -1.12 2.89 -32.59
N ASP A 35 -1.13 1.83 -31.80
CA ASP A 35 -2.36 1.41 -31.11
C ASP A 35 -2.59 2.21 -29.84
N GLY A 36 -1.56 2.87 -29.34
CA GLY A 36 -1.68 3.66 -28.14
C GLY A 36 -0.33 4.22 -27.74
N VAL A 37 -0.29 4.92 -26.62
CA VAL A 37 0.96 5.44 -26.07
C VAL A 37 1.10 5.08 -24.60
N GLU A 38 2.34 4.95 -24.14
CA GLU A 38 2.63 4.78 -22.73
C GLU A 38 3.38 6.01 -22.23
N ILE A 39 2.88 6.62 -21.18
CA ILE A 39 3.56 7.74 -20.55
C ILE A 39 4.66 7.20 -19.64
N HIS A 40 5.90 7.54 -19.96
CA HIS A 40 7.04 7.13 -19.12
C HIS A 40 7.12 8.02 -17.89
N SER A 41 6.70 7.49 -16.74
CA SER A 41 6.81 8.21 -15.48
C SER A 41 7.65 7.40 -14.50
N ALA A 42 8.57 6.61 -15.03
CA ALA A 42 9.37 5.67 -14.26
C ALA A 42 10.86 5.89 -14.46
N ASN A 43 11.65 5.04 -13.79
CA ASN A 43 13.09 4.90 -14.01
C ASN A 43 13.92 6.18 -13.90
N GLY A 44 13.41 7.14 -13.14
CA GLY A 44 14.18 8.33 -12.81
C GLY A 44 14.25 9.40 -13.86
N TYR A 45 13.39 9.33 -14.88
CA TYR A 45 13.33 10.37 -15.90
C TYR A 45 12.43 11.52 -15.42
N LEU A 46 12.12 12.49 -16.29
CA LEU A 46 11.58 13.78 -15.79
C LEU A 46 10.34 13.65 -14.91
N LEU A 47 9.32 12.93 -15.37
CA LEU A 47 8.11 12.79 -14.57
C LEU A 47 8.39 12.13 -13.22
N ASN A 48 9.23 11.10 -13.23
CA ASN A 48 9.66 10.45 -11.99
C ASN A 48 10.42 11.44 -11.09
N GLN A 49 11.20 12.33 -11.69
CA GLN A 49 11.93 13.35 -10.93
C GLN A 49 10.96 14.27 -10.18
N PHE A 50 9.79 14.52 -10.75
CA PHE A 50 8.75 15.27 -10.06
C PHE A 50 8.07 14.46 -8.95
N LEU A 51 7.85 13.17 -9.20
CA LEU A 51 7.18 12.31 -8.21
C LEU A 51 8.00 12.13 -6.95
N ASP A 52 9.32 12.10 -7.12
CA ASP A 52 10.23 11.66 -6.05
C ASP A 52 10.66 12.81 -5.15
N PRO A 53 10.53 12.65 -3.83
CA PRO A 53 10.87 13.74 -2.92
C PRO A 53 12.38 14.04 -2.83
N HIS A 54 13.23 13.11 -3.29
CA HIS A 54 14.66 13.39 -3.32
C HIS A 54 14.98 14.42 -4.40
N SER A 55 14.40 14.23 -5.58
CA SER A 55 14.69 15.08 -6.72
C SER A 55 13.81 16.33 -6.81
N ASN A 56 12.67 16.30 -6.12
CA ASN A 56 11.73 17.40 -6.18
C ASN A 56 11.64 18.13 -4.86
N THR A 57 12.28 19.30 -4.81
CA THR A 57 12.31 20.15 -3.63
C THR A 57 11.50 21.43 -3.86
N ARG A 58 10.65 21.42 -4.87
CA ARG A 58 9.91 22.62 -5.24
C ARG A 58 8.95 23.09 -4.14
N THR A 59 8.74 24.40 -4.09
CA THR A 59 7.85 24.99 -3.10
C THR A 59 6.62 25.62 -3.77
N ASP A 60 6.44 25.36 -5.06
CA ASP A 60 5.23 25.77 -5.74
C ASP A 60 4.23 24.61 -5.79
N GLU A 61 3.22 24.73 -6.64
CA GLU A 61 2.16 23.72 -6.70
C GLU A 61 2.63 22.36 -7.24
N TYR A 62 3.88 22.29 -7.71
CA TYR A 62 4.40 21.05 -8.26
C TYR A 62 5.32 20.28 -7.32
N GLY A 63 5.47 20.76 -6.09
CA GLY A 63 6.25 20.05 -5.10
C GLY A 63 5.82 20.34 -3.68
N GLY A 64 6.44 19.64 -2.73
CA GLY A 64 6.23 19.93 -1.32
C GLY A 64 5.21 19.06 -0.61
N SER A 65 4.52 18.22 -1.37
CA SER A 65 3.53 17.30 -0.82
C SER A 65 3.32 16.17 -1.80
N ILE A 66 2.69 15.10 -1.34
CA ILE A 66 2.36 13.96 -2.20
C ILE A 66 1.50 14.41 -3.38
N GLU A 67 0.48 15.22 -3.08
CA GLU A 67 -0.46 15.71 -4.07
C GLU A 67 0.24 16.59 -5.12
N ASN A 68 1.12 17.46 -4.64
CA ASN A 68 1.83 18.37 -5.54
C ASN A 68 2.85 17.66 -6.41
N ARG A 69 3.55 16.68 -5.84
CA ARG A 69 4.56 15.93 -6.60
C ARG A 69 3.93 15.10 -7.71
N ALA A 70 2.68 14.69 -7.52
CA ALA A 70 1.98 13.89 -8.52
C ALA A 70 1.34 14.74 -9.62
N ARG A 71 1.36 16.06 -9.46
CA ARG A 71 0.60 16.95 -10.35
C ARG A 71 1.00 16.86 -11.82
N PHE A 72 2.29 16.93 -12.11
CA PHE A 72 2.79 16.92 -13.49
C PHE A 72 2.37 15.61 -14.17
N THR A 73 2.63 14.47 -13.54
CA THR A 73 2.26 13.18 -14.11
C THR A 73 0.77 13.10 -14.40
N LEU A 74 -0.06 13.51 -13.45
CA LEU A 74 -1.50 13.46 -13.64
C LEU A 74 -1.98 14.46 -14.70
N GLU A 75 -1.31 15.59 -14.83
CA GLU A 75 -1.65 16.55 -15.89
C GLU A 75 -1.37 15.98 -17.28
N VAL A 76 -0.26 15.25 -17.40
CA VAL A 76 0.06 14.58 -18.66
C VAL A 76 -0.98 13.50 -18.97
N VAL A 77 -1.31 12.69 -17.97
CA VAL A 77 -2.35 11.69 -18.13
C VAL A 77 -3.65 12.32 -18.63
N ASP A 78 -4.09 13.39 -17.97
CA ASP A 78 -5.36 14.01 -18.32
C ASP A 78 -5.34 14.62 -19.72
N ALA A 79 -4.22 15.25 -20.08
CA ALA A 79 -4.08 15.86 -21.39
C ALA A 79 -4.13 14.82 -22.50
N LEU A 80 -3.49 13.68 -22.28
CA LEU A 80 -3.46 12.63 -23.30
C LEU A 80 -4.79 11.91 -23.42
N VAL A 81 -5.44 11.66 -22.28
CA VAL A 81 -6.76 11.05 -22.29
C VAL A 81 -7.74 11.92 -23.08
N GLU A 82 -7.69 13.23 -22.84
CA GLU A 82 -8.54 14.16 -23.56
C GLU A 82 -8.23 14.20 -25.06
N ALA A 83 -6.95 14.14 -25.39
CA ALA A 83 -6.51 14.28 -26.76
C ALA A 83 -6.79 13.05 -27.63
N ILE A 84 -6.48 11.86 -27.12
CA ILE A 84 -6.59 10.65 -27.95
C ILE A 84 -7.50 9.55 -27.42
N GLY A 85 -8.01 9.71 -26.21
CA GLY A 85 -8.92 8.72 -25.64
C GLY A 85 -8.27 7.84 -24.58
N HIS A 86 -9.01 7.54 -23.52
CA HIS A 86 -8.44 6.81 -22.39
C HIS A 86 -7.93 5.42 -22.73
N GLU A 87 -8.58 4.75 -23.69
CA GLU A 87 -8.16 3.40 -24.05
C GLU A 87 -6.90 3.36 -24.90
N LYS A 88 -6.35 4.53 -25.24
CA LYS A 88 -5.12 4.61 -26.00
CA LYS A 88 -5.11 4.59 -26.00
C LYS A 88 -3.96 5.12 -25.14
N VAL A 89 -4.17 5.17 -23.83
CA VAL A 89 -3.16 5.70 -22.91
C VAL A 89 -2.85 4.75 -21.75
N GLY A 90 -1.56 4.48 -21.54
CA GLY A 90 -1.09 3.75 -20.39
C GLY A 90 -0.05 4.55 -19.63
N LEU A 91 0.32 4.10 -18.43
CA LEU A 91 1.26 4.82 -17.59
C LEU A 91 2.27 3.85 -16.97
N ARG A 92 3.55 4.19 -17.03
CA ARG A 92 4.58 3.37 -16.41
C ARG A 92 5.17 4.01 -15.16
N LEU A 93 5.26 3.21 -14.09
CA LEU A 93 5.76 3.66 -12.79
C LEU A 93 6.75 2.62 -12.24
N SER A 94 7.70 3.09 -11.43
CA SER A 94 8.66 2.20 -10.79
C SER A 94 8.83 2.61 -9.33
N PRO A 95 7.86 2.23 -8.47
CA PRO A 95 7.82 2.71 -7.09
C PRO A 95 9.12 2.50 -6.31
N TYR A 96 9.77 1.36 -6.51
CA TYR A 96 10.95 1.01 -5.73
C TYR A 96 12.26 1.22 -6.49
N GLY A 97 12.20 1.86 -7.65
CA GLY A 97 13.40 2.06 -8.45
C GLY A 97 14.38 3.01 -7.80
N VAL A 98 15.67 2.74 -7.98
CA VAL A 98 16.71 3.65 -7.52
C VAL A 98 17.54 4.18 -8.69
N PHE A 99 17.38 3.57 -9.85
CA PHE A 99 18.08 4.02 -11.06
C PHE A 99 17.83 5.49 -11.32
N ASN A 100 18.87 6.19 -11.79
CA ASN A 100 18.84 7.63 -12.02
C ASN A 100 18.56 8.44 -10.75
N SER A 101 19.07 7.92 -9.63
CA SER A 101 19.06 8.62 -8.34
C SER A 101 17.67 8.88 -7.77
N MET A 102 16.78 7.91 -7.96
CA MET A 102 15.48 7.95 -7.31
C MET A 102 15.57 7.32 -5.90
N SER A 103 14.55 7.55 -5.09
CA SER A 103 14.63 7.20 -3.68
C SER A 103 14.54 5.72 -3.38
N GLY A 104 13.59 5.05 -4.01
CA GLY A 104 13.30 3.67 -3.69
C GLY A 104 12.77 3.52 -2.28
N GLY A 105 12.80 2.29 -1.78
CA GLY A 105 12.22 1.95 -0.49
C GLY A 105 12.82 2.64 0.72
N ALA A 106 14.04 3.16 0.58
CA ALA A 106 14.67 3.89 1.68
C ALA A 106 13.88 5.13 2.08
N GLU A 107 13.09 5.64 1.15
CA GLU A 107 12.16 6.74 1.44
C GLU A 107 10.88 6.16 2.01
N THR A 108 10.63 6.41 3.29
CA THR A 108 9.48 5.81 3.98
C THR A 108 8.14 6.25 3.41
N GLY A 109 8.11 7.39 2.74
CA GLY A 109 6.90 7.90 2.14
C GLY A 109 6.67 7.48 0.71
N ILE A 110 7.52 6.59 0.19
CA ILE A 110 7.44 6.26 -1.23
C ILE A 110 6.16 5.50 -1.61
N VAL A 111 5.72 4.57 -0.76
CA VAL A 111 4.51 3.83 -1.09
C VAL A 111 3.31 4.78 -1.11
N ALA A 112 3.25 5.71 -0.16
CA ALA A 112 2.15 6.67 -0.14
C ALA A 112 2.11 7.51 -1.41
N GLN A 113 3.28 7.90 -1.90
CA GLN A 113 3.38 8.70 -3.11
C GLN A 113 2.75 7.98 -4.29
N TYR A 114 3.07 6.69 -4.43
CA TYR A 114 2.57 5.91 -5.55
C TYR A 114 1.14 5.44 -5.34
N ALA A 115 0.76 5.20 -4.08
CA ALA A 115 -0.61 4.87 -3.76
C ALA A 115 -1.53 6.04 -4.11
N TYR A 116 -1.05 7.27 -3.94
CA TYR A 116 -1.85 8.43 -4.30
C TYR A 116 -2.10 8.48 -5.79
N VAL A 117 -1.06 8.23 -6.58
CA VAL A 117 -1.19 8.23 -8.03
C VAL A 117 -2.20 7.16 -8.47
N ALA A 118 -2.06 5.95 -7.92
CA ALA A 118 -2.98 4.87 -8.26
C ALA A 118 -4.42 5.24 -7.90
N GLY A 119 -4.61 5.89 -6.76
CA GLY A 119 -5.92 6.30 -6.33
C GLY A 119 -6.55 7.30 -7.28
N GLU A 120 -5.75 8.26 -7.72
CA GLU A 120 -6.23 9.26 -8.66
C GLU A 120 -6.57 8.63 -10.02
N LEU A 121 -5.82 7.62 -10.43
CA LEU A 121 -6.15 6.90 -11.66
C LEU A 121 -7.47 6.14 -11.51
N GLU A 122 -7.69 5.53 -10.35
CA GLU A 122 -8.94 4.80 -10.15
C GLU A 122 -10.13 5.75 -10.08
N LYS A 123 -9.92 6.93 -9.50
CA LYS A 123 -10.97 7.94 -9.47
C LYS A 123 -11.38 8.33 -10.90
N ARG A 124 -10.39 8.53 -11.76
CA ARG A 124 -10.65 8.82 -13.17
C ARG A 124 -11.36 7.66 -13.85
N ALA A 125 -10.99 6.45 -13.47
CA ALA A 125 -11.62 5.26 -14.02
C ALA A 125 -13.11 5.22 -13.68
N LYS A 126 -13.45 5.58 -12.45
CA LYS A 126 -14.85 5.61 -12.04
C LYS A 126 -15.64 6.64 -12.86
N ALA A 127 -14.96 7.67 -13.34
CA ALA A 127 -15.59 8.69 -14.17
C ALA A 127 -15.61 8.32 -15.65
N GLY A 128 -15.22 7.08 -15.95
CA GLY A 128 -15.29 6.57 -17.31
C GLY A 128 -14.07 6.84 -18.15
N LYS A 129 -12.94 7.14 -17.50
CA LYS A 129 -11.71 7.43 -18.21
C LYS A 129 -10.57 6.51 -17.76
N ARG A 130 -10.87 5.22 -17.62
CA ARG A 130 -9.85 4.28 -17.17
C ARG A 130 -8.73 4.13 -18.17
N LEU A 131 -7.49 4.27 -17.71
CA LEU A 131 -6.34 4.04 -18.58
C LEU A 131 -6.33 2.60 -19.07
N ALA A 132 -5.72 2.38 -20.22
CA ALA A 132 -5.63 1.03 -20.78
C ALA A 132 -4.91 0.08 -19.83
N PHE A 133 -3.90 0.59 -19.13
CA PHE A 133 -3.12 -0.21 -18.20
C PHE A 133 -2.24 0.65 -17.33
N VAL A 134 -1.81 0.08 -16.21
CA VAL A 134 -0.69 0.61 -15.44
C VAL A 134 0.45 -0.40 -15.58
N HIS A 135 1.64 0.08 -15.89
CA HIS A 135 2.81 -0.76 -16.11
C HIS A 135 3.77 -0.49 -14.95
N LEU A 136 4.06 -1.52 -14.18
CA LEU A 136 4.92 -1.40 -13.01
C LEU A 136 6.24 -2.11 -13.22
N VAL A 137 7.34 -1.44 -12.90
CA VAL A 137 8.60 -2.13 -12.71
C VAL A 137 8.60 -2.67 -11.28
N GLU A 138 8.96 -3.94 -11.14
CA GLU A 138 8.94 -4.62 -9.86
C GLU A 138 10.18 -4.30 -9.03
N PRO A 139 10.08 -4.41 -7.69
CA PRO A 139 11.26 -4.28 -6.83
C PRO A 139 12.27 -5.39 -7.08
N ARG A 140 11.89 -6.39 -7.87
CA ARG A 140 12.80 -7.42 -8.36
C ARG A 140 13.98 -6.80 -9.11
N VAL A 141 13.74 -5.66 -9.75
CA VAL A 141 14.78 -4.96 -10.50
C VAL A 141 14.70 -3.48 -10.21
N THR A 142 15.50 -3.02 -9.24
CA THR A 142 15.50 -1.61 -8.88
C THR A 142 16.44 -0.80 -9.78
N ASN A 143 17.27 -1.51 -10.54
CA ASN A 143 18.21 -0.90 -11.48
C ASN A 143 18.46 -1.89 -12.60
N PRO A 144 18.01 -1.58 -13.83
CA PRO A 144 18.05 -2.54 -14.94
C PRO A 144 19.44 -2.77 -15.51
N PHE A 145 20.41 -2.03 -15.01
CA PHE A 145 21.76 -2.28 -15.49
CA PHE A 145 21.82 -2.12 -15.38
C PHE A 145 22.53 -3.19 -14.54
N LEU A 146 21.88 -3.63 -13.48
CA LEU A 146 22.41 -4.68 -12.63
C LEU A 146 21.91 -6.03 -13.13
N THR A 147 22.78 -7.03 -13.08
CA THR A 147 22.45 -8.39 -13.51
C THR A 147 21.26 -8.93 -12.72
N GLU A 148 20.45 -9.77 -13.37
CA GLU A 148 19.31 -10.43 -12.75
C GLU A 148 19.67 -11.01 -11.39
N GLY A 149 18.87 -10.67 -10.37
CA GLY A 149 19.11 -11.13 -9.02
C GLY A 149 19.81 -10.09 -8.16
N GLU A 150 20.49 -9.15 -8.80
CA GLU A 150 21.13 -8.05 -8.08
C GLU A 150 20.19 -6.86 -8.02
N GLY A 151 20.32 -6.04 -6.98
CA GLY A 151 19.44 -4.90 -6.81
C GLY A 151 17.99 -5.32 -6.60
N GLU A 152 17.80 -6.52 -6.06
CA GLU A 152 16.47 -7.02 -5.73
C GLU A 152 16.09 -6.53 -4.34
N TYR A 153 15.12 -5.63 -4.28
CA TYR A 153 14.68 -5.07 -3.00
C TYR A 153 13.67 -5.99 -2.33
N GLU A 154 14.00 -6.46 -1.14
CA GLU A 154 13.15 -7.43 -0.44
C GLU A 154 12.14 -6.78 0.50
N GLY A 155 12.30 -5.48 0.71
CA GLY A 155 11.53 -4.79 1.74
C GLY A 155 10.23 -4.17 1.28
N GLY A 156 9.86 -4.40 0.02
CA GLY A 156 8.62 -3.84 -0.49
C GLY A 156 8.02 -4.64 -1.62
N SER A 157 6.71 -4.49 -1.78
CA SER A 157 5.96 -5.17 -2.83
C SER A 157 5.09 -4.16 -3.56
N ASN A 158 4.82 -4.43 -4.84
CA ASN A 158 3.90 -3.61 -5.61
C ASN A 158 2.45 -4.02 -5.41
N ASP A 159 2.21 -5.00 -4.54
CA ASP A 159 0.86 -5.53 -4.35
C ASP A 159 -0.14 -4.46 -3.95
N PHE A 160 0.32 -3.42 -3.26
CA PHE A 160 -0.56 -2.34 -2.83
C PHE A 160 -1.34 -1.74 -4.00
N VAL A 161 -0.74 -1.72 -5.18
CA VAL A 161 -1.38 -1.13 -6.34
C VAL A 161 -2.71 -1.83 -6.65
N TYR A 162 -2.74 -3.14 -6.44
CA TYR A 162 -3.94 -3.94 -6.75
C TYR A 162 -5.13 -3.63 -5.83
N SER A 163 -4.85 -3.14 -4.63
CA SER A 163 -5.93 -2.75 -3.71
C SER A 163 -6.58 -1.45 -4.16
N ILE A 164 -5.90 -0.71 -5.03
CA ILE A 164 -6.32 0.64 -5.37
C ILE A 164 -6.80 0.73 -6.82
N TRP A 165 -5.91 0.40 -7.75
CA TRP A 165 -6.19 0.39 -9.18
C TRP A 165 -6.80 -0.95 -9.56
N LYS A 166 -7.92 -0.91 -10.28
CA LYS A 166 -8.69 -2.11 -10.57
C LYS A 166 -8.64 -2.51 -12.04
N GLY A 167 -7.71 -1.92 -12.80
CA GLY A 167 -7.56 -2.23 -14.21
C GLY A 167 -6.40 -3.17 -14.47
N PRO A 168 -6.05 -3.36 -15.74
CA PRO A 168 -4.92 -4.23 -16.09
C PRO A 168 -3.61 -3.71 -15.51
N VAL A 169 -2.75 -4.63 -15.10
CA VAL A 169 -1.44 -4.29 -14.58
C VAL A 169 -0.39 -5.13 -15.29
N ILE A 170 0.58 -4.46 -15.92
CA ILE A 170 1.74 -5.13 -16.50
C ILE A 170 2.87 -5.06 -15.48
N ARG A 171 3.50 -6.19 -15.21
CA ARG A 171 4.61 -6.24 -14.24
C ARG A 171 5.87 -6.68 -14.95
N ALA A 172 6.97 -5.95 -14.72
CA ALA A 172 8.24 -6.28 -15.38
C ALA A 172 9.37 -6.35 -14.37
N GLY A 173 10.29 -7.29 -14.59
CA GLY A 173 11.51 -7.34 -13.80
C GLY A 173 11.94 -8.75 -13.43
N ASN A 174 12.95 -9.25 -14.13
CA ASN A 174 13.56 -10.55 -13.84
C ASN A 174 12.54 -11.70 -13.81
N PHE A 175 11.64 -11.72 -14.78
CA PHE A 175 10.66 -12.78 -14.86
C PHE A 175 11.03 -13.94 -15.80
N ALA A 176 11.90 -13.68 -16.78
CA ALA A 176 12.27 -14.72 -17.75
C ALA A 176 12.95 -15.91 -17.08
N LEU A 177 13.82 -15.63 -16.12
CA LEU A 177 14.57 -16.67 -15.43
C LEU A 177 13.78 -17.27 -14.28
N HIS A 178 12.55 -16.80 -14.09
CA HIS A 178 11.75 -17.23 -12.95
C HIS A 178 10.31 -17.56 -13.30
N PRO A 179 10.11 -18.61 -14.10
CA PRO A 179 8.76 -19.04 -14.46
C PRO A 179 7.95 -19.42 -13.23
N GLU A 180 8.61 -19.86 -12.16
CA GLU A 180 7.91 -20.23 -10.94
C GLU A 180 7.22 -19.03 -10.30
N VAL A 181 7.81 -17.84 -10.45
CA VAL A 181 7.21 -16.62 -9.94
C VAL A 181 6.07 -16.18 -10.86
N VAL A 182 6.30 -16.24 -12.16
CA VAL A 182 5.27 -15.87 -13.14
C VAL A 182 4.02 -16.74 -12.98
N ARG A 183 4.22 -18.05 -12.79
CA ARG A 183 3.10 -18.98 -12.64
C ARG A 183 2.17 -18.55 -11.52
N GLU A 184 2.74 -18.01 -10.44
CA GLU A 184 1.94 -17.53 -9.32
C GLU A 184 1.30 -16.18 -9.62
N GLU A 185 2.07 -15.27 -10.20
CA GLU A 185 1.57 -13.91 -10.41
C GLU A 185 0.45 -13.83 -11.46
N VAL A 186 0.49 -14.69 -12.48
CA VAL A 186 -0.56 -14.65 -13.50
C VAL A 186 -1.85 -15.33 -13.07
N LYS A 187 -1.88 -15.90 -11.87
CA LYS A 187 -3.13 -16.42 -11.32
C LYS A 187 -4.11 -15.27 -11.13
N ASP A 188 -3.58 -14.07 -10.93
CA ASP A 188 -4.41 -12.88 -10.97
C ASP A 188 -4.79 -12.60 -12.42
N LYS A 189 -6.09 -12.51 -12.67
CA LYS A 189 -6.62 -12.51 -14.03
C LYS A 189 -6.45 -11.20 -14.80
N ARG A 190 -5.93 -10.16 -14.15
CA ARG A 190 -5.69 -8.90 -14.84
C ARG A 190 -4.21 -8.52 -14.87
N THR A 191 -3.34 -9.52 -14.69
CA THR A 191 -1.90 -9.32 -14.67
C THR A 191 -1.23 -9.80 -15.95
N LEU A 192 -0.39 -8.93 -16.52
CA LEU A 192 0.44 -9.27 -17.67
C LEU A 192 1.89 -9.17 -17.23
N ILE A 193 2.77 -9.82 -17.98
CA ILE A 193 4.18 -9.89 -17.60
C ILE A 193 5.05 -9.32 -18.71
N GLY A 194 5.85 -8.31 -18.37
CA GLY A 194 6.80 -7.76 -19.32
C GLY A 194 8.13 -8.48 -19.22
N TYR A 195 8.68 -8.86 -20.37
CA TYR A 195 9.98 -9.50 -20.43
C TYR A 195 10.93 -8.64 -21.27
N GLY A 196 11.93 -8.05 -20.62
CA GLY A 196 12.80 -7.09 -21.28
C GLY A 196 14.05 -7.67 -21.89
N ARG A 197 15.07 -7.84 -21.05
CA ARG A 197 16.38 -8.29 -21.53
C ARG A 197 16.34 -9.59 -22.34
N PHE A 198 15.50 -10.53 -21.95
CA PHE A 198 15.45 -11.78 -22.69
C PHE A 198 14.63 -11.70 -23.98
N PHE A 199 13.87 -10.63 -24.15
CA PHE A 199 13.25 -10.38 -25.44
C PHE A 199 14.25 -9.73 -26.40
N ILE A 200 15.27 -9.07 -25.85
CA ILE A 200 16.37 -8.59 -26.68
C ILE A 200 17.04 -9.79 -27.37
N SER A 201 17.28 -10.85 -26.61
CA SER A 201 18.05 -11.99 -27.11
C SER A 201 17.23 -13.14 -27.67
N ASN A 202 15.92 -13.14 -27.41
CA ASN A 202 15.04 -14.19 -27.92
C ASN A 202 13.85 -13.61 -28.68
N PRO A 203 13.97 -13.50 -30.02
CA PRO A 203 12.86 -12.93 -30.78
C PRO A 203 11.60 -13.79 -30.67
N ASP A 204 11.79 -15.10 -30.48
CA ASP A 204 10.68 -16.03 -30.30
C ASP A 204 10.46 -16.36 -28.82
N LEU A 205 10.64 -15.38 -27.95
CA LEU A 205 10.52 -15.62 -26.50
C LEU A 205 9.17 -16.23 -26.13
N VAL A 206 8.10 -15.77 -26.77
CA VAL A 206 6.77 -16.26 -26.41
C VAL A 206 6.64 -17.77 -26.63
N ASP A 207 7.11 -18.26 -27.77
CA ASP A 207 7.15 -19.70 -28.04
C ASP A 207 7.94 -20.44 -26.97
N ARG A 208 9.09 -19.88 -26.60
CA ARG A 208 9.96 -20.52 -25.61
C ARG A 208 9.31 -20.57 -24.23
N LEU A 209 8.57 -19.53 -23.88
CA LEU A 209 7.84 -19.50 -22.61
C LEU A 209 6.71 -20.53 -22.60
N GLU A 210 6.01 -20.65 -23.72
CA GLU A 210 4.90 -21.58 -23.82
C GLU A 210 5.34 -23.03 -23.64
N LYS A 211 6.46 -23.37 -24.27
CA LYS A 211 6.88 -24.77 -24.34
C LYS A 211 8.00 -25.12 -23.36
N GLY A 212 8.53 -24.13 -22.67
CA GLY A 212 9.60 -24.36 -21.71
C GLY A 212 10.92 -24.69 -22.38
N LEU A 213 11.30 -23.87 -23.35
CA LEU A 213 12.54 -24.07 -24.10
C LEU A 213 13.70 -23.30 -23.47
N PRO A 214 14.94 -23.70 -23.77
CA PRO A 214 16.11 -22.93 -23.32
C PRO A 214 16.08 -21.51 -23.87
N LEU A 215 16.77 -20.60 -23.18
CA LEU A 215 16.82 -19.20 -23.59
C LEU A 215 18.18 -18.81 -24.13
N ASN A 216 18.20 -18.04 -25.22
CA ASN A 216 19.45 -17.43 -25.68
C ASN A 216 20.01 -16.49 -24.63
N LYS A 217 21.31 -16.59 -24.38
CA LYS A 217 21.99 -15.59 -23.56
C LYS A 217 21.92 -14.24 -24.27
N TYR A 218 21.90 -13.16 -23.50
CA TYR A 218 21.99 -11.83 -24.08
C TYR A 218 23.42 -11.29 -24.00
N ASP A 219 23.72 -10.31 -24.86
CA ASP A 219 25.02 -9.66 -24.89
C ASP A 219 24.88 -8.19 -24.50
N ARG A 220 25.23 -7.87 -23.26
CA ARG A 220 25.10 -6.51 -22.73
C ARG A 220 25.78 -5.46 -23.59
N ASP A 221 26.94 -5.81 -24.15
CA ASP A 221 27.74 -4.83 -24.88
C ASP A 221 27.08 -4.34 -26.16
N THR A 222 26.08 -5.06 -26.64
CA THR A 222 25.36 -4.62 -27.83
C THR A 222 23.93 -4.13 -27.53
N PHE A 223 23.61 -3.95 -26.25
CA PHE A 223 22.34 -3.36 -25.87
C PHE A 223 22.21 -1.96 -26.48
N TYR A 224 23.26 -1.17 -26.30
CA TYR A 224 23.34 0.19 -26.84
C TYR A 224 24.54 0.24 -27.77
N GLN A 225 24.31 0.10 -29.07
CA GLN A 225 25.38 0.19 -30.04
C GLN A 225 24.77 0.40 -31.41
N MET A 226 25.45 1.16 -32.27
CA MET A 226 24.92 1.37 -33.62
C MET A 226 25.31 0.19 -34.51
N SER A 227 24.62 -0.93 -34.32
CA SER A 227 24.96 -2.15 -35.03
C SER A 227 23.77 -3.08 -35.22
N ALA A 228 23.77 -3.81 -36.33
CA ALA A 228 22.81 -4.89 -36.52
C ALA A 228 23.17 -6.05 -35.59
N HIS A 229 24.46 -6.20 -35.32
CA HIS A 229 24.94 -7.25 -34.41
C HIS A 229 24.41 -7.00 -33.01
N GLY A 230 23.81 -8.03 -32.43
CA GLY A 230 23.19 -7.90 -31.11
C GLY A 230 21.85 -7.19 -31.17
N TYR A 231 21.30 -7.05 -32.37
CA TYR A 231 20.04 -6.37 -32.58
C TYR A 231 19.10 -7.28 -33.37
N ILE A 232 19.53 -7.65 -34.59
CA ILE A 232 18.70 -8.47 -35.47
C ILE A 232 19.28 -9.86 -35.78
N ASP A 233 20.38 -10.23 -35.12
CA ASP A 233 21.02 -11.51 -35.40
C ASP A 233 20.93 -12.55 -34.27
N TYR A 234 20.04 -12.34 -33.31
CA TYR A 234 19.73 -13.39 -32.35
C TYR A 234 18.76 -14.37 -33.00
N PRO A 235 19.06 -15.67 -32.91
CA PRO A 235 18.24 -16.69 -33.59
C PRO A 235 17.00 -17.12 -32.82
N THR A 236 16.00 -17.61 -33.56
CA THR A 236 14.90 -18.33 -32.96
C THR A 236 15.44 -19.68 -32.49
N TYR A 237 14.64 -20.43 -31.74
CA TYR A 237 15.13 -21.70 -31.20
C TYR A 237 15.50 -22.69 -32.32
N GLU A 238 14.63 -22.82 -33.31
CA GLU A 238 14.91 -23.70 -34.44
C GLU A 238 16.15 -23.25 -35.21
N GLU A 239 16.29 -21.94 -35.39
CA GLU A 239 17.46 -21.38 -36.05
C GLU A 239 18.73 -21.68 -35.27
N ALA A 240 18.66 -21.58 -33.95
CA ALA A 240 19.80 -21.84 -33.08
C ALA A 240 20.26 -23.29 -33.21
N LEU A 241 19.31 -24.22 -33.20
CA LEU A 241 19.64 -25.64 -33.35
C LEU A 241 20.31 -25.93 -34.70
N LYS A 242 19.85 -25.25 -35.74
CA LYS A 242 20.41 -25.43 -37.08
C LYS A 242 21.82 -24.85 -37.16
N LEU A 243 22.09 -23.84 -36.34
CA LEU A 243 23.41 -23.24 -36.25
C LEU A 243 24.35 -24.08 -35.41
N GLY A 244 23.80 -25.13 -34.79
CA GLY A 244 24.60 -26.04 -34.01
C GLY A 244 24.75 -25.61 -32.56
N TRP A 245 23.86 -24.73 -32.11
CA TRP A 245 23.88 -24.25 -30.73
C TRP A 245 23.52 -25.36 -29.75
N GLY A 246 24.31 -25.49 -28.69
CA GLY A 246 24.06 -26.48 -27.66
C GLY A 246 23.77 -25.83 -26.33
N THR A 247 24.00 -26.56 -25.25
CA THR A 247 23.72 -26.06 -23.90
C THR A 247 24.64 -24.90 -23.51
N SER A 248 25.70 -24.69 -24.28
CA SER A 248 26.65 -23.62 -24.00
C SER A 248 26.18 -22.27 -24.53
N SER A 249 25.36 -22.29 -25.57
CA SER A 249 24.86 -21.06 -26.18
C SER A 249 23.62 -20.55 -25.47
N PHE A 250 22.99 -21.41 -24.69
CA PHE A 250 21.80 -21.05 -23.94
C PHE A 250 22.17 -20.75 -22.50
N VAL A 251 21.29 -20.05 -21.79
CA VAL A 251 21.54 -19.68 -20.39
C VAL A 251 21.86 -20.91 -19.56
N LYS A 252 22.97 -20.86 -18.84
CA LYS A 252 23.44 -22.00 -18.06
C LYS A 252 22.63 -22.21 -16.79
N ASP A 253 22.31 -23.47 -16.52
CA ASP A 253 21.62 -23.87 -15.29
C ASP A 253 20.22 -23.29 -15.15
N PHE A 254 19.68 -22.76 -16.23
CA PHE A 254 18.29 -22.33 -16.24
C PHE A 254 17.40 -23.54 -16.45
N LYS A 255 16.41 -23.71 -15.59
CA LYS A 255 15.47 -24.81 -15.71
C LYS A 255 14.11 -24.29 -16.15
N PRO A 256 13.84 -24.36 -17.46
CA PRO A 256 12.61 -23.80 -18.02
C PRO A 256 11.35 -24.53 -17.57
N GLN A 257 10.24 -23.80 -17.54
CA GLN A 257 8.92 -24.39 -17.33
C GLN A 257 8.07 -24.05 -18.53
N ALA A 258 7.25 -25.00 -18.98
CA ALA A 258 6.21 -24.66 -19.95
C ALA A 258 5.12 -23.88 -19.24
N LEU A 259 4.85 -22.67 -19.71
CA LEU A 259 3.85 -21.82 -19.08
C LEU A 259 2.55 -21.79 -19.87
N GLY A 260 2.45 -22.64 -20.89
CA GLY A 260 1.30 -22.67 -21.76
C GLY A 260 -0.02 -23.00 -21.07
N ASP A 261 0.06 -23.60 -19.88
CA ASP A 261 -1.12 -24.01 -19.14
C ASP A 261 -1.56 -22.97 -18.11
N THR A 262 -0.99 -21.76 -18.22
CA THR A 262 -1.31 -20.68 -17.28
C THR A 262 -2.05 -19.55 -17.98
N ASN A 263 -2.50 -18.58 -17.19
CA ASN A 263 -3.15 -17.39 -17.74
C ASN A 263 -2.26 -16.56 -18.65
N LEU A 264 -0.96 -16.81 -18.61
CA LEU A 264 -0.04 -16.12 -19.52
C LEU A 264 -0.44 -16.35 -20.96
N PHE A 265 -1.10 -17.47 -21.22
CA PHE A 265 -1.53 -17.80 -22.58
C PHE A 265 -3.04 -17.77 -22.78
N LYS A 266 -3.72 -16.98 -21.94
CA LYS A 266 -5.11 -16.65 -22.15
C LYS A 266 -5.19 -15.26 -22.78
N PRO A 267 -6.13 -15.07 -23.72
CA PRO A 267 -6.28 -13.76 -24.35
C PRO A 267 -6.78 -12.72 -23.37
N ILE A 268 -6.52 -11.46 -23.66
CA ILE A 268 -6.96 -10.36 -22.81
C ILE A 268 -7.06 -9.09 -23.66
N LYS A 269 -8.05 -8.25 -23.37
CA LYS A 269 -8.16 -6.99 -24.08
C LYS A 269 -7.41 -5.88 -23.36
N ILE A 270 -6.50 -5.24 -24.07
CA ILE A 270 -5.79 -4.08 -23.53
C ILE A 270 -6.03 -2.93 -24.48
N GLY A 271 -6.63 -1.87 -23.98
CA GLY A 271 -7.04 -0.76 -24.82
C GLY A 271 -8.00 -1.27 -25.87
N ASN A 272 -7.68 -1.02 -27.14
CA ASN A 272 -8.52 -1.46 -28.24
C ASN A 272 -8.06 -2.80 -28.84
N ASN A 273 -7.04 -3.41 -28.24
CA ASN A 273 -6.43 -4.60 -28.81
C ASN A 273 -6.76 -5.89 -28.09
N GLU A 274 -7.06 -6.92 -28.86
CA GLU A 274 -7.25 -8.26 -28.29
C GLU A 274 -5.92 -9.01 -28.31
N LEU A 275 -5.19 -8.98 -27.20
CA LEU A 275 -3.96 -9.74 -27.07
CA LEU A 275 -3.96 -9.73 -27.08
C LEU A 275 -4.28 -11.22 -27.05
N LEU A 276 -3.41 -12.03 -27.64
CA LEU A 276 -3.63 -13.47 -27.63
C LEU A 276 -2.88 -14.17 -26.50
N HIS A 277 -2.00 -13.43 -25.84
CA HIS A 277 -1.26 -13.93 -24.69
C HIS A 277 -0.79 -12.71 -23.90
N ARG A 278 -0.23 -12.93 -22.71
CA ARG A 278 0.02 -11.83 -21.79
C ARG A 278 1.51 -11.57 -21.55
N ALA A 279 2.35 -12.07 -22.46
CA ALA A 279 3.77 -11.75 -22.44
C ALA A 279 3.99 -10.48 -23.25
N VAL A 280 4.40 -9.41 -22.57
CA VAL A 280 4.51 -8.09 -23.18
C VAL A 280 5.98 -7.74 -23.40
N ILE A 281 6.27 -7.09 -24.52
CA ILE A 281 7.59 -6.51 -24.69
C ILE A 281 7.59 -5.12 -24.07
N PRO A 282 8.34 -4.94 -22.96
CA PRO A 282 8.39 -3.62 -22.33
C PRO A 282 9.29 -2.71 -23.17
N PRO A 283 9.23 -1.40 -22.91
CA PRO A 283 10.10 -0.48 -23.65
C PRO A 283 11.58 -0.78 -23.44
N LEU A 284 12.34 -0.84 -24.53
CA LEU A 284 13.77 -1.14 -24.47
C LEU A 284 14.54 -0.23 -25.41
N THR A 285 15.17 0.79 -24.85
CA THR A 285 16.06 1.67 -25.59
C THR A 285 17.22 0.87 -26.18
N ARG A 286 17.47 1.05 -27.47
CA ARG A 286 18.52 0.29 -28.15
C ARG A 286 19.58 1.17 -28.84
N MET A 287 19.31 2.46 -28.94
CA MET A 287 20.28 3.42 -29.47
C MET A 287 20.72 3.17 -30.92
N ARG A 288 19.78 2.71 -31.76
CA ARG A 288 20.06 2.59 -33.19
C ARG A 288 19.51 3.76 -34.00
N ALA A 289 18.88 4.73 -33.34
CA ALA A 289 18.34 5.88 -34.06
C ALA A 289 19.45 6.76 -34.63
N LEU A 290 19.16 7.39 -35.76
CA LEU A 290 20.16 8.18 -36.48
C LEU A 290 20.37 9.57 -35.90
N HIS A 291 21.63 10.00 -35.90
CA HIS A 291 21.99 11.37 -35.56
C HIS A 291 22.68 11.99 -36.77
N PRO A 292 22.28 13.22 -37.15
CA PRO A 292 21.28 14.06 -36.48
C PRO A 292 19.84 13.67 -36.81
N GLY A 293 18.91 14.15 -35.99
CA GLY A 293 17.50 14.01 -36.28
C GLY A 293 16.74 13.04 -35.40
N ASN A 294 17.44 12.22 -34.63
CA ASN A 294 16.81 11.20 -33.77
C ASN A 294 15.83 10.35 -34.57
N ILE A 295 16.29 9.85 -35.72
CA ILE A 295 15.43 9.15 -36.67
C ILE A 295 15.50 7.64 -36.48
N PRO A 296 14.34 6.98 -36.36
CA PRO A 296 14.36 5.52 -36.25
C PRO A 296 15.18 4.89 -37.36
N ASN A 297 15.97 3.88 -37.02
CA ASN A 297 16.93 3.30 -37.96
C ASN A 297 16.27 2.76 -39.22
N ARG A 298 16.79 3.18 -40.37
CA ARG A 298 16.20 2.82 -41.65
C ARG A 298 16.71 1.49 -42.19
N ASP A 299 17.74 0.94 -41.55
CA ASP A 299 18.37 -0.29 -42.02
C ASP A 299 17.92 -1.53 -41.26
N TRP A 300 17.70 -1.39 -39.96
CA TRP A 300 17.53 -2.57 -39.11
C TRP A 300 16.28 -2.56 -38.22
N ALA A 301 15.71 -1.40 -37.96
CA ALA A 301 14.64 -1.30 -36.96
C ALA A 301 13.37 -2.06 -37.33
N VAL A 302 12.95 -1.96 -38.59
CA VAL A 302 11.78 -2.70 -39.04
C VAL A 302 11.97 -4.20 -38.79
N GLU A 303 13.14 -4.72 -39.16
CA GLU A 303 13.43 -6.13 -38.94
C GLU A 303 13.43 -6.51 -37.46
N TYR A 304 14.04 -5.67 -36.63
CA TYR A 304 14.08 -5.90 -35.18
C TYR A 304 12.68 -6.07 -34.61
N TYR A 305 11.79 -5.15 -34.94
CA TYR A 305 10.43 -5.20 -34.42
C TYR A 305 9.61 -6.32 -35.08
N THR A 306 9.86 -6.59 -36.35
CA THR A 306 9.17 -7.67 -37.05
C THR A 306 9.47 -9.01 -36.39
N GLN A 307 10.75 -9.26 -36.11
CA GLN A 307 11.18 -10.49 -35.45
C GLN A 307 10.45 -10.68 -34.14
N ARG A 308 10.35 -9.61 -33.35
CA ARG A 308 9.78 -9.70 -32.02
C ARG A 308 8.25 -9.63 -32.00
N ALA A 309 7.66 -9.36 -33.16
CA ALA A 309 6.21 -9.37 -33.33
C ALA A 309 5.70 -10.72 -33.83
N GLN A 310 6.61 -11.68 -34.01
CA GLN A 310 6.31 -12.91 -34.75
C GLN A 310 5.18 -13.76 -34.16
N ARG A 311 5.03 -13.75 -32.84
CA ARG A 311 3.92 -14.45 -32.22
C ARG A 311 2.68 -13.58 -32.34
N PRO A 312 1.65 -14.08 -33.04
CA PRO A 312 0.44 -13.27 -33.24
C PRO A 312 -0.15 -12.78 -31.93
N GLY A 313 -0.63 -11.54 -31.91
CA GLY A 313 -1.32 -11.00 -30.75
C GLY A 313 -0.42 -10.59 -29.60
N THR A 314 0.82 -10.24 -29.92
CA THR A 314 1.78 -9.77 -28.93
C THR A 314 1.67 -8.25 -28.77
N MET A 315 1.62 -7.79 -27.52
CA MET A 315 1.70 -6.37 -27.25
C MET A 315 3.15 -5.92 -27.15
N ILE A 316 3.53 -4.97 -28.00
CA ILE A 316 4.88 -4.41 -28.00
C ILE A 316 4.85 -2.95 -27.57
N ILE A 317 5.65 -2.59 -26.57
CA ILE A 317 5.83 -1.19 -26.23
C ILE A 317 7.19 -0.78 -26.80
N THR A 318 7.23 0.31 -27.55
CA THR A 318 8.48 0.73 -28.18
C THR A 318 9.49 1.21 -27.17
N GLU A 319 10.75 1.22 -27.60
CA GLU A 319 11.79 1.99 -26.95
C GLU A 319 11.28 3.39 -26.65
N GLY A 320 11.78 4.00 -25.58
CA GLY A 320 11.43 5.37 -25.27
C GLY A 320 11.64 6.29 -26.46
N ALA A 321 10.67 7.14 -26.75
CA ALA A 321 10.74 8.07 -27.86
C ALA A 321 10.53 9.51 -27.38
N PHE A 322 11.48 10.38 -27.71
CA PHE A 322 11.43 11.78 -27.26
C PHE A 322 10.26 12.54 -27.87
N ILE A 323 9.57 13.33 -27.06
CA ILE A 323 8.43 14.10 -27.54
C ILE A 323 8.82 15.40 -28.22
N SER A 324 10.08 15.81 -28.05
CA SER A 324 10.59 17.06 -28.62
C SER A 324 12.09 17.09 -28.45
N PRO A 325 12.79 17.99 -29.17
CA PRO A 325 14.23 18.14 -28.94
C PRO A 325 14.55 18.43 -27.47
N GLN A 326 13.80 19.34 -26.84
CA GLN A 326 14.05 19.71 -25.46
C GLN A 326 13.88 18.53 -24.49
N ALA A 327 13.06 17.55 -24.88
CA ALA A 327 12.82 16.38 -24.06
C ALA A 327 13.94 15.34 -24.15
N GLY A 328 14.85 15.52 -25.11
CA GLY A 328 15.87 14.54 -25.41
C GLY A 328 17.22 14.79 -24.77
N GLY A 329 18.27 14.43 -25.50
CA GLY A 329 19.62 14.54 -24.99
C GLY A 329 20.48 13.30 -25.22
N TYR A 330 19.87 12.25 -25.77
CA TYR A 330 20.63 11.10 -26.26
C TYR A 330 20.56 11.12 -27.79
N ASP A 331 21.71 11.20 -28.44
CA ASP A 331 21.76 11.38 -29.89
C ASP A 331 21.15 10.23 -30.69
N ASN A 332 21.19 9.03 -30.13
CA ASN A 332 20.78 7.84 -30.87
C ASN A 332 19.50 7.18 -30.37
N ALA A 333 18.72 7.91 -29.58
CA ALA A 333 17.36 7.50 -29.24
C ALA A 333 16.40 8.22 -30.18
N PRO A 334 15.29 7.56 -30.56
CA PRO A 334 14.39 8.17 -31.54
C PRO A 334 13.44 9.20 -30.94
N GLY A 335 12.89 10.07 -31.80
CA GLY A 335 11.85 10.99 -31.41
C GLY A 335 10.56 10.73 -32.17
N VAL A 336 9.50 11.40 -31.75
CA VAL A 336 8.20 11.35 -32.42
C VAL A 336 7.63 12.75 -32.62
N TRP A 337 8.49 13.72 -32.91
CA TRP A 337 8.03 15.10 -33.13
C TRP A 337 8.09 15.56 -34.58
N SER A 338 8.87 14.88 -35.43
CA SER A 338 9.10 15.35 -36.78
C SER A 338 8.56 14.40 -37.85
N GLU A 339 8.31 14.95 -39.04
CA GLU A 339 7.81 14.18 -40.15
C GLU A 339 8.78 13.07 -40.55
N GLU A 340 10.08 13.38 -40.58
CA GLU A 340 11.06 12.38 -40.99
C GLU A 340 11.14 11.21 -40.00
N GLN A 341 10.88 11.49 -38.73
CA GLN A 341 10.78 10.43 -37.74
C GLN A 341 9.54 9.58 -37.99
N MET A 342 8.41 10.23 -38.19
CA MET A 342 7.14 9.51 -38.31
C MET A 342 7.06 8.64 -39.56
N VAL A 343 7.74 9.05 -40.63
CA VAL A 343 7.81 8.24 -41.84
C VAL A 343 8.41 6.87 -41.52
N GLU A 344 9.44 6.84 -40.69
CA GLU A 344 10.06 5.58 -40.31
C GLU A 344 9.23 4.79 -39.30
N TRP A 345 8.65 5.49 -38.33
CA TRP A 345 7.78 4.82 -37.36
C TRP A 345 6.61 4.12 -38.05
N THR A 346 6.06 4.78 -39.07
CA THR A 346 4.93 4.21 -39.81
C THR A 346 5.29 2.84 -40.37
N LYS A 347 6.50 2.71 -40.92
CA LYS A 347 6.96 1.43 -41.45
C LYS A 347 7.11 0.38 -40.36
N ILE A 348 7.61 0.78 -39.20
CA ILE A 348 7.72 -0.12 -38.06
C ILE A 348 6.33 -0.61 -37.60
N PHE A 349 5.38 0.32 -37.48
CA PHE A 349 4.03 -0.05 -37.05
C PHE A 349 3.36 -0.96 -38.08
N ASN A 350 3.57 -0.66 -39.36
CA ASN A 350 3.11 -1.50 -40.46
C ASN A 350 3.55 -2.95 -40.27
N ALA A 351 4.83 -3.12 -39.98
CA ALA A 351 5.43 -4.45 -39.90
C ALA A 351 4.88 -5.24 -38.72
N ILE A 352 4.71 -4.57 -37.59
CA ILE A 352 4.16 -5.20 -36.40
C ILE A 352 2.72 -5.65 -36.65
N HIS A 353 1.95 -4.80 -37.31
CA HIS A 353 0.55 -5.11 -37.62
C HIS A 353 0.41 -6.23 -38.64
N GLU A 354 1.36 -6.32 -39.57
CA GLU A 354 1.38 -7.41 -40.55
C GLU A 354 1.49 -8.75 -39.83
N LYS A 355 2.18 -8.75 -38.70
CA LYS A 355 2.36 -9.96 -37.90
C LYS A 355 1.23 -10.15 -36.91
N LYS A 356 0.18 -9.33 -37.04
CA LYS A 356 -1.01 -9.43 -36.22
C LYS A 356 -0.73 -9.13 -34.74
N SER A 357 0.26 -8.28 -34.51
CA SER A 357 0.60 -7.85 -33.16
C SER A 357 0.30 -6.37 -32.99
N PHE A 358 0.62 -5.81 -31.83
CA PHE A 358 0.20 -4.46 -31.49
C PHE A 358 1.36 -3.63 -30.98
N VAL A 359 1.26 -2.32 -31.14
CA VAL A 359 2.37 -1.45 -30.79
C VAL A 359 1.95 -0.17 -30.07
N TRP A 360 2.61 0.06 -28.93
CA TRP A 360 2.36 1.23 -28.10
C TRP A 360 3.65 2.04 -28.03
N VAL A 361 3.58 3.33 -28.32
CA VAL A 361 4.77 4.18 -28.29
C VAL A 361 5.00 4.71 -26.88
N GLN A 362 6.18 4.46 -26.31
CA GLN A 362 6.50 5.08 -25.03
C GLN A 362 6.99 6.51 -25.23
N LEU A 363 6.32 7.46 -24.58
CA LEU A 363 6.66 8.87 -24.68
C LEU A 363 7.63 9.27 -23.57
N TRP A 364 8.80 9.76 -23.97
CA TRP A 364 9.95 9.89 -23.08
C TRP A 364 10.41 11.33 -22.95
N VAL A 365 10.67 11.75 -21.71
CA VAL A 365 11.28 13.04 -21.42
C VAL A 365 12.37 12.82 -20.36
N LEU A 366 13.59 13.27 -20.64
CA LEU A 366 14.75 12.85 -19.85
C LEU A 366 14.99 13.56 -18.52
N GLY A 367 14.73 14.86 -18.46
CA GLY A 367 15.08 15.61 -17.28
C GLY A 367 16.57 15.49 -16.98
N TRP A 368 16.90 15.28 -15.71
CA TRP A 368 18.30 15.32 -15.29
C TRP A 368 19.17 14.17 -15.79
N ALA A 369 18.54 13.18 -16.41
CA ALA A 369 19.28 12.04 -16.96
C ALA A 369 19.87 12.34 -18.34
N ALA A 370 19.51 13.48 -18.91
CA ALA A 370 20.04 13.88 -20.21
C ALA A 370 21.53 14.23 -20.11
N PHE A 371 22.22 14.21 -21.26
CA PHE A 371 23.58 14.70 -21.33
C PHE A 371 23.55 16.21 -21.57
N PRO A 372 23.92 17.01 -20.56
CA PRO A 372 23.84 18.47 -20.70
C PRO A 372 24.69 19.01 -21.85
N ASP A 373 25.76 18.33 -22.20
CA ASP A 373 26.62 18.77 -23.30
C ASP A 373 25.94 18.65 -24.66
N ASN A 374 25.15 17.60 -24.84
CA ASN A 374 24.38 17.45 -26.09
C ASN A 374 23.33 18.55 -26.19
N LEU A 375 22.65 18.80 -25.08
CA LEU A 375 21.62 19.83 -25.04
C LEU A 375 22.22 21.21 -25.31
N ALA A 376 23.38 21.49 -24.71
CA ALA A 376 24.05 22.77 -24.91
C ALA A 376 24.46 22.97 -26.36
N ARG A 377 24.96 21.91 -26.98
CA ARG A 377 25.34 21.93 -28.39
C ARG A 377 24.14 22.36 -29.24
N ASP A 378 22.96 21.89 -28.85
CA ASP A 378 21.75 22.14 -29.61
C ASP A 378 20.95 23.36 -29.13
N GLY A 379 21.53 24.10 -28.19
CA GLY A 379 20.90 25.33 -27.69
C GLY A 379 19.71 25.09 -26.78
N LEU A 380 19.73 23.95 -26.09
CA LEU A 380 18.60 23.55 -25.25
C LEU A 380 18.96 23.59 -23.77
N ARG A 381 17.93 23.66 -22.92
CA ARG A 381 18.13 23.66 -21.48
C ARG A 381 18.45 22.26 -20.97
N TYR A 382 19.03 22.21 -19.77
CA TYR A 382 19.17 20.98 -19.01
C TYR A 382 18.14 21.06 -17.89
N ASP A 383 17.07 20.26 -18.01
CA ASP A 383 15.87 20.44 -17.20
C ASP A 383 15.72 19.47 -16.04
N SER A 384 15.05 19.92 -14.99
CA SER A 384 14.62 19.03 -13.92
CA SER A 384 14.72 19.09 -13.84
C SER A 384 13.58 19.72 -13.05
N ALA A 385 13.16 19.04 -11.98
CA ALA A 385 12.16 19.60 -11.08
C ALA A 385 12.77 20.74 -10.27
N SER A 386 13.99 20.53 -9.80
CA SER A 386 14.67 21.49 -8.96
C SER A 386 16.02 21.86 -9.56
N ASP A 387 16.71 22.82 -8.94
CA ASP A 387 18.05 23.19 -9.41
C ASP A 387 19.11 23.05 -8.33
N ASN A 388 18.74 22.46 -7.20
CA ASN A 388 19.65 22.37 -6.06
C ASN A 388 19.91 20.94 -5.59
N VAL A 389 19.42 19.98 -6.36
CA VAL A 389 19.73 18.58 -6.13
C VAL A 389 20.04 17.97 -7.49
N PHE A 390 21.06 17.11 -7.54
CA PHE A 390 21.58 16.65 -8.81
C PHE A 390 21.69 15.13 -8.83
N MET A 391 21.72 14.56 -10.03
CA MET A 391 21.87 13.12 -10.15
C MET A 391 23.24 12.71 -9.61
N ASP A 392 23.30 11.55 -8.95
CA ASP A 392 24.53 11.09 -8.32
C ASP A 392 25.71 11.03 -9.30
N ALA B 3 -31.43 22.94 24.72
CA ALA B 3 -30.27 22.14 25.10
C ALA B 3 -29.60 21.51 23.87
N ASN B 4 -29.95 22.03 22.69
CA ASN B 4 -29.34 21.59 21.45
C ASN B 4 -27.83 21.78 21.50
N ASN B 5 -27.09 20.71 21.17
CA ASN B 5 -25.65 20.70 21.27
C ASN B 5 -25.07 20.31 19.91
N PRO B 6 -24.97 21.29 19.01
CA PRO B 6 -24.58 21.04 17.61
C PRO B 6 -23.15 20.57 17.50
N GLN B 7 -22.89 19.71 16.52
CA GLN B 7 -21.54 19.25 16.25
C GLN B 7 -20.62 20.45 16.01
N HIS B 8 -19.47 20.42 16.68
CA HIS B 8 -18.55 21.55 16.74
C HIS B 8 -17.22 21.19 16.07
N SER B 9 -16.79 22.02 15.13
CA SER B 9 -15.49 21.83 14.50
C SER B 9 -14.40 22.36 15.44
N LEU B 10 -13.48 21.48 15.83
CA LEU B 10 -12.46 21.85 16.82
C LEU B 10 -11.56 22.99 16.36
N THR B 11 -11.24 23.89 17.28
CA THR B 11 -10.24 24.91 17.02
C THR B 11 -8.86 24.32 17.28
N LYS B 12 -7.83 25.01 16.82
CA LYS B 12 -6.45 24.56 17.07
C LYS B 12 -6.14 24.46 18.56
N ASP B 13 -6.65 25.42 19.34
CA ASP B 13 -6.43 25.39 20.78
C ASP B 13 -7.11 24.19 21.43
N GLU B 14 -8.30 23.84 20.94
CA GLU B 14 -9.03 22.69 21.47
C GLU B 14 -8.33 21.38 21.13
N ILE B 15 -7.71 21.33 19.95
CA ILE B 15 -6.88 20.19 19.58
C ILE B 15 -5.69 20.08 20.52
N LYS B 16 -5.04 21.20 20.80
CA LYS B 16 -3.93 21.21 21.74
C LYS B 16 -4.34 20.73 23.14
N GLN B 17 -5.55 21.10 23.55
CA GLN B 17 -6.07 20.66 24.84
C GLN B 17 -6.29 19.14 24.88
N TYR B 18 -6.81 18.58 23.79
CA TYR B 18 -6.95 17.12 23.70
C TYR B 18 -5.57 16.46 23.81
N ILE B 19 -4.57 17.01 23.14
CA ILE B 19 -3.22 16.46 23.19
C ILE B 19 -2.70 16.45 24.62
N LYS B 20 -2.89 17.57 25.32
CA LYS B 20 -2.53 17.66 26.73
C LYS B 20 -3.20 16.56 27.54
N GLU B 21 -4.47 16.30 27.25
CA GLU B 21 -5.23 15.28 27.96
C GLU B 21 -4.75 13.87 27.61
N TYR B 22 -4.36 13.63 26.36
CA TYR B 22 -3.77 12.35 25.99
C TYR B 22 -2.49 12.11 26.80
N VAL B 23 -1.66 13.13 26.89
CA VAL B 23 -0.42 13.03 27.64
C VAL B 23 -0.68 12.70 29.11
N GLN B 24 -1.61 13.41 29.72
CA GLN B 24 -1.92 13.17 31.13
C GLN B 24 -2.51 11.77 31.34
N ALA B 25 -3.38 11.35 30.43
CA ALA B 25 -3.99 10.03 30.52
C ALA B 25 -2.95 8.92 30.39
N ALA B 26 -1.99 9.13 29.49
CA ALA B 26 -0.91 8.17 29.32
C ALA B 26 -0.06 8.09 30.58
N LYS B 27 0.31 9.24 31.13
CA LYS B 27 1.06 9.27 32.37
C LYS B 27 0.28 8.61 33.50
N ASN B 28 -1.01 8.90 33.61
CA ASN B 28 -1.84 8.26 34.62
C ASN B 28 -1.83 6.74 34.49
N SER B 29 -1.92 6.26 33.26
CA SER B 29 -1.97 4.82 33.00
C SER B 29 -0.68 4.14 33.44
N ILE B 30 0.45 4.70 33.03
CA ILE B 30 1.74 4.15 33.39
C ILE B 30 1.96 4.19 34.91
N ALA B 31 1.61 5.33 35.52
CA ALA B 31 1.78 5.48 36.96
C ALA B 31 0.97 4.46 37.75
N ALA B 32 -0.19 4.08 37.21
CA ALA B 32 -1.06 3.12 37.87
C ALA B 32 -0.63 1.68 37.63
N GLY B 33 0.34 1.48 36.74
CA GLY B 33 0.92 0.17 36.53
C GLY B 33 0.80 -0.44 35.14
N ALA B 34 0.20 0.27 34.19
CA ALA B 34 0.06 -0.28 32.84
C ALA B 34 1.41 -0.43 32.14
N ASP B 35 1.50 -1.40 31.24
CA ASP B 35 2.72 -1.65 30.49
C ASP B 35 2.88 -0.69 29.31
N GLY B 36 1.79 -0.08 28.89
CA GLY B 36 1.82 0.83 27.76
C GLY B 36 0.44 1.36 27.46
N VAL B 37 0.33 2.18 26.42
CA VAL B 37 -0.96 2.67 25.97
C VAL B 37 -1.09 2.46 24.48
N GLU B 38 -2.34 2.31 24.02
CA GLU B 38 -2.65 2.28 22.60
C GLU B 38 -3.47 3.51 22.24
N ILE B 39 -3.03 4.25 21.24
CA ILE B 39 -3.78 5.39 20.74
C ILE B 39 -4.87 4.89 19.80
N HIS B 40 -6.13 5.12 20.16
CA HIS B 40 -7.25 4.73 19.31
C HIS B 40 -7.41 5.74 18.18
N SER B 41 -6.97 5.37 16.97
CA SER B 41 -7.16 6.22 15.80
C SER B 41 -7.95 5.47 14.74
N ALA B 42 -8.82 4.56 15.20
CA ALA B 42 -9.57 3.67 14.33
C ALA B 42 -11.08 3.78 14.56
N ASN B 43 -11.82 2.94 13.82
CA ASN B 43 -13.24 2.70 14.01
C ASN B 43 -14.15 3.93 14.02
N GLY B 44 -13.71 5.00 13.36
CA GLY B 44 -14.55 6.16 13.18
C GLY B 44 -14.68 7.11 14.35
N TYR B 45 -13.80 6.98 15.34
CA TYR B 45 -13.79 7.91 16.46
C TYR B 45 -12.97 9.16 16.12
N LEU B 46 -12.69 10.04 17.08
CA LEU B 46 -12.23 11.39 16.74
C LEU B 46 -11.01 11.44 15.83
N LEU B 47 -9.95 10.74 16.19
CA LEU B 47 -8.73 10.79 15.38
C LEU B 47 -9.00 10.25 13.97
N ASN B 48 -9.79 9.18 13.87
CA ASN B 48 -10.18 8.66 12.57
C ASN B 48 -11.01 9.69 11.78
N GLN B 49 -11.85 10.45 12.49
CA GLN B 49 -12.64 11.50 11.85
C GLN B 49 -11.74 12.55 11.19
N PHE B 50 -10.57 12.78 11.77
CA PHE B 50 -9.59 13.67 11.14
C PHE B 50 -8.87 13.01 9.96
N LEU B 51 -8.55 11.72 10.08
CA LEU B 51 -7.85 11.02 9.01
C LEU B 51 -8.67 10.90 7.73
N ASP B 52 -9.99 10.80 7.88
CA ASP B 52 -10.86 10.42 6.77
C ASP B 52 -11.41 11.62 6.02
N PRO B 53 -11.27 11.64 4.69
CA PRO B 53 -11.70 12.81 3.90
C PRO B 53 -13.21 13.02 3.87
N HIS B 54 -14.00 12.00 4.19
CA HIS B 54 -15.44 12.17 4.27
C HIS B 54 -15.82 13.02 5.47
N SER B 55 -15.23 12.71 6.62
CA SER B 55 -15.56 13.40 7.86
C SER B 55 -14.77 14.67 8.08
N ASN B 56 -13.63 14.80 7.39
CA ASN B 56 -12.77 15.95 7.53
C ASN B 56 -12.80 16.84 6.30
N THR B 57 -13.55 17.93 6.40
CA THR B 57 -13.67 18.90 5.30
C THR B 57 -12.95 20.20 5.65
N ARG B 58 -12.05 20.14 6.62
CA ARG B 58 -11.34 21.34 7.07
C ARG B 58 -10.44 21.91 5.99
N THR B 59 -10.24 23.22 6.04
CA THR B 59 -9.35 23.90 5.11
C THR B 59 -8.19 24.59 5.84
N ASP B 60 -7.99 24.23 7.10
CA ASP B 60 -6.80 24.67 7.83
C ASP B 60 -5.73 23.59 7.79
N GLU B 61 -4.73 23.70 8.66
CA GLU B 61 -3.60 22.78 8.63
C GLU B 61 -3.97 21.35 9.05
N TYR B 62 -5.19 21.14 9.52
CA TYR B 62 -5.64 19.82 9.95
C TYR B 62 -6.53 19.12 8.93
N GLY B 63 -6.70 19.70 7.74
CA GLY B 63 -7.46 19.05 6.70
C GLY B 63 -7.05 19.47 5.31
N GLY B 64 -7.61 18.82 4.30
CA GLY B 64 -7.45 19.25 2.92
C GLY B 64 -6.32 18.58 2.16
N SER B 65 -5.59 17.69 2.83
CA SER B 65 -4.54 16.91 2.19
C SER B 65 -4.26 15.69 3.05
N ILE B 66 -3.53 14.73 2.49
CA ILE B 66 -3.15 13.54 3.23
C ILE B 66 -2.31 13.92 4.45
N GLU B 67 -1.36 14.82 4.22
CA GLU B 67 -0.45 15.26 5.27
C GLU B 67 -1.20 15.97 6.39
N ASN B 68 -2.13 16.84 6.02
CA ASN B 68 -2.92 17.59 6.99
C ASN B 68 -3.88 16.72 7.79
N ARG B 69 -4.53 15.77 7.10
CA ARG B 69 -5.48 14.89 7.78
C ARG B 69 -4.79 13.98 8.80
N ALA B 70 -3.52 13.68 8.57
CA ALA B 70 -2.75 12.83 9.49
C ALA B 70 -2.14 13.60 10.67
N ARG B 71 -2.24 14.93 10.64
CA ARG B 71 -1.51 15.77 11.60
C ARG B 71 -1.87 15.52 13.07
N PHE B 72 -3.17 15.48 13.37
CA PHE B 72 -3.65 15.29 14.74
C PHE B 72 -3.13 13.94 15.27
N THR B 73 -3.35 12.87 14.52
CA THR B 73 -2.92 11.54 14.95
C THR B 73 -1.41 11.52 15.23
N LEU B 74 -0.62 12.11 14.34
CA LEU B 74 0.82 12.10 14.52
C LEU B 74 1.28 13.00 15.66
N GLU B 75 0.55 14.09 15.90
CA GLU B 75 0.86 14.95 17.05
C GLU B 75 0.61 14.21 18.36
N VAL B 76 -0.43 13.39 18.41
CA VAL B 76 -0.70 12.59 19.60
C VAL B 76 0.40 11.53 19.78
N VAL B 77 0.75 10.86 18.68
CA VAL B 77 1.85 9.89 18.73
C VAL B 77 3.11 10.54 19.30
N ASP B 78 3.48 11.69 18.74
CA ASP B 78 4.71 12.34 19.15
C ASP B 78 4.68 12.80 20.60
N ALA B 79 3.54 13.33 21.03
CA ALA B 79 3.41 13.80 22.40
C ALA B 79 3.52 12.66 23.39
N LEU B 80 2.94 11.51 23.06
CA LEU B 80 2.97 10.36 23.96
C LEU B 80 4.34 9.71 24.00
N VAL B 81 4.98 9.59 22.83
CA VAL B 81 6.34 9.07 22.78
C VAL B 81 7.26 9.93 23.64
N GLU B 82 7.13 11.24 23.52
CA GLU B 82 7.92 12.18 24.33
C GLU B 82 7.64 12.03 25.82
N ALA B 83 6.37 11.80 26.17
CA ALA B 83 5.97 11.77 27.58
C ALA B 83 6.34 10.49 28.31
N ILE B 84 6.12 9.34 27.66
CA ILE B 84 6.28 8.06 28.37
C ILE B 84 7.26 7.09 27.72
N GLY B 85 7.75 7.41 26.52
CA GLY B 85 8.72 6.56 25.84
C GLY B 85 8.13 5.75 24.69
N HIS B 86 8.90 5.61 23.61
CA HIS B 86 8.39 4.98 22.41
C HIS B 86 7.94 3.54 22.61
N GLU B 87 8.62 2.81 23.51
CA GLU B 87 8.31 1.41 23.74
CA GLU B 87 8.29 1.41 23.71
C GLU B 87 7.03 1.21 24.55
N LYS B 88 6.42 2.30 25.00
CA LYS B 88 5.18 2.21 25.76
C LYS B 88 3.98 2.75 24.97
N VAL B 89 4.15 2.91 23.67
CA VAL B 89 3.10 3.51 22.83
C VAL B 89 2.83 2.67 21.58
N GLY B 90 1.55 2.36 21.34
CA GLY B 90 1.12 1.74 20.10
C GLY B 90 0.01 2.56 19.46
N LEU B 91 -0.33 2.22 18.22
CA LEU B 91 -1.35 2.96 17.48
C LEU B 91 -2.30 2.02 16.76
N ARG B 92 -3.61 2.26 16.88
CA ARG B 92 -4.61 1.44 16.20
C ARG B 92 -5.24 2.19 15.02
N LEU B 93 -5.31 1.51 13.87
CA LEU B 93 -5.86 2.06 12.64
C LEU B 93 -6.79 1.03 11.99
N SER B 94 -7.78 1.52 11.24
CA SER B 94 -8.69 0.65 10.50
C SER B 94 -8.89 1.19 9.09
N PRO B 95 -7.92 0.96 8.20
CA PRO B 95 -7.92 1.59 6.88
C PRO B 95 -9.21 1.39 6.08
N TYR B 96 -9.81 0.20 6.17
CA TYR B 96 -10.97 -0.13 5.37
C TYR B 96 -12.29 -0.07 6.14
N GLY B 97 -12.24 0.43 7.36
CA GLY B 97 -13.44 0.51 8.18
C GLY B 97 -14.48 1.46 7.63
N VAL B 98 -15.75 1.09 7.81
CA VAL B 98 -16.85 1.99 7.45
C VAL B 98 -17.70 2.34 8.66
N PHE B 99 -17.53 1.60 9.75
CA PHE B 99 -18.24 1.86 11.00
C PHE B 99 -18.07 3.32 11.44
N ASN B 100 -19.15 3.91 11.94
CA ASN B 100 -19.18 5.32 12.32
C ASN B 100 -18.96 6.27 11.15
N SER B 101 -19.40 5.84 9.97
CA SER B 101 -19.45 6.66 8.77
C SER B 101 -18.09 7.08 8.23
N MET B 102 -17.14 6.15 8.29
CA MET B 102 -15.85 6.34 7.63
C MET B 102 -15.92 5.85 6.19
N SER B 103 -14.93 6.22 5.39
CA SER B 103 -15.00 6.02 3.95
C SER B 103 -14.83 4.57 3.48
N GLY B 104 -13.86 3.88 4.04
CA GLY B 104 -13.51 2.56 3.56
C GLY B 104 -12.94 2.58 2.15
N GLY B 105 -12.87 1.40 1.54
CA GLY B 105 -12.24 1.24 0.24
C GLY B 105 -12.89 2.00 -0.90
N ALA B 106 -14.13 2.43 -0.73
CA ALA B 106 -14.81 3.22 -1.76
C ALA B 106 -14.08 4.52 -2.04
N GLU B 107 -13.34 5.00 -1.05
CA GLU B 107 -12.48 6.17 -1.21
C GLU B 107 -11.16 5.73 -1.84
N THR B 108 -10.94 6.13 -3.09
CA THR B 108 -9.78 5.69 -3.84
C THR B 108 -8.45 6.16 -3.21
N GLY B 109 -8.51 7.23 -2.43
CA GLY B 109 -7.32 7.74 -1.77
C GLY B 109 -7.06 7.15 -0.40
N ILE B 110 -7.84 6.16 0.01
CA ILE B 110 -7.75 5.68 1.39
C ILE B 110 -6.42 4.97 1.70
N VAL B 111 -5.92 4.16 0.77
CA VAL B 111 -4.67 3.46 1.01
C VAL B 111 -3.52 4.47 1.14
N ALA B 112 -3.53 5.50 0.30
CA ALA B 112 -2.50 6.52 0.37
C ALA B 112 -2.52 7.25 1.72
N GLN B 113 -3.71 7.51 2.24
CA GLN B 113 -3.85 8.18 3.53
C GLN B 113 -3.17 7.38 4.63
N TYR B 114 -3.42 6.07 4.65
CA TYR B 114 -2.86 5.20 5.68
C TYR B 114 -1.40 4.84 5.44
N ALA B 115 -1.02 4.75 4.16
CA ALA B 115 0.37 4.53 3.81
C ALA B 115 1.23 5.69 4.28
N TYR B 116 0.68 6.90 4.25
CA TYR B 116 1.42 8.07 4.71
C TYR B 116 1.69 7.97 6.20
N VAL B 117 0.65 7.59 6.96
CA VAL B 117 0.80 7.44 8.40
C VAL B 117 1.86 6.39 8.73
N ALA B 118 1.77 5.24 8.06
CA ALA B 118 2.76 4.18 8.26
C ALA B 118 4.18 4.65 7.95
N GLY B 119 4.31 5.44 6.88
CA GLY B 119 5.62 5.97 6.49
C GLY B 119 6.19 6.90 7.54
N GLU B 120 5.33 7.75 8.08
CA GLU B 120 5.76 8.67 9.12
C GLU B 120 6.17 7.94 10.39
N LEU B 121 5.49 6.84 10.69
CA LEU B 121 5.89 6.03 11.84
C LEU B 121 7.24 5.37 11.60
N GLU B 122 7.48 4.89 10.39
CA GLU B 122 8.76 4.26 10.09
C GLU B 122 9.90 5.28 10.11
N LYS B 123 9.62 6.49 9.66
CA LYS B 123 10.61 7.56 9.71
C LYS B 123 11.02 7.82 11.16
N ARG B 124 10.03 7.88 12.05
CA ARG B 124 10.29 8.05 13.48
C ARG B 124 11.08 6.87 14.04
N ALA B 125 10.79 5.67 13.57
CA ALA B 125 11.51 4.48 14.00
C ALA B 125 12.99 4.57 13.64
N LYS B 126 13.27 5.05 12.43
CA LYS B 126 14.66 5.23 12.01
C LYS B 126 15.37 6.30 12.83
N ALA B 127 14.58 7.18 13.44
CA ALA B 127 15.11 8.23 14.30
C ALA B 127 15.14 7.79 15.77
N GLY B 128 15.04 6.49 16.00
CA GLY B 128 15.19 5.93 17.34
C GLY B 128 13.95 5.96 18.20
N LYS B 129 12.79 6.12 17.58
CA LYS B 129 11.54 6.27 18.33
C LYS B 129 10.47 5.30 17.85
N ARG B 130 10.86 4.06 17.56
CA ARG B 130 9.92 3.09 17.02
C ARG B 130 8.78 2.74 17.98
N LEU B 131 7.54 2.88 17.52
CA LEU B 131 6.40 2.48 18.35
C LEU B 131 6.47 1.00 18.68
N ALA B 132 5.85 0.63 19.79
CA ALA B 132 5.82 -0.77 20.20
C ALA B 132 5.12 -1.65 19.15
N PHE B 133 4.08 -1.12 18.52
CA PHE B 133 3.32 -1.87 17.52
C PHE B 133 2.39 -0.95 16.76
N VAL B 134 1.96 -1.43 15.59
CA VAL B 134 0.81 -0.89 14.89
C VAL B 134 -0.26 -1.97 14.92
N HIS B 135 -1.48 -1.58 15.29
CA HIS B 135 -2.61 -2.50 15.40
C HIS B 135 -3.59 -2.17 14.29
N LEU B 136 -3.84 -3.14 13.42
CA LEU B 136 -4.73 -2.94 12.28
C LEU B 136 -6.00 -3.74 12.40
N VAL B 137 -7.14 -3.09 12.17
CA VAL B 137 -8.37 -3.83 11.93
C VAL B 137 -8.37 -4.22 10.45
N GLU B 138 -8.68 -5.47 10.17
CA GLU B 138 -8.65 -6.00 8.81
C GLU B 138 -9.92 -5.67 8.05
N PRO B 139 -9.83 -5.61 6.70
CA PRO B 139 -11.02 -5.43 5.86
C PRO B 139 -11.99 -6.62 6.01
N ARG B 140 -11.55 -7.67 6.68
CA ARG B 140 -12.39 -8.80 7.04
C ARG B 140 -13.59 -8.37 7.86
N VAL B 141 -13.42 -7.29 8.62
CA VAL B 141 -14.47 -6.75 9.46
C VAL B 141 -14.48 -5.22 9.33
N THR B 142 -15.34 -4.70 8.47
CA THR B 142 -15.43 -3.25 8.29
C THR B 142 -16.38 -2.61 9.31
N ASN B 143 -17.13 -3.45 10.03
CA ASN B 143 -18.07 -3.01 11.06
C ASN B 143 -18.21 -4.16 12.05
N PRO B 144 -17.74 -3.97 13.29
CA PRO B 144 -17.65 -5.10 14.23
C PRO B 144 -19.00 -5.47 14.85
N PHE B 145 -20.06 -4.75 14.48
CA PHE B 145 -21.38 -5.09 14.98
C PHE B 145 -22.22 -5.82 13.94
N LEU B 146 -21.56 -6.21 12.85
CA LEU B 146 -22.14 -7.14 11.89
C LEU B 146 -21.55 -8.52 12.15
N THR B 147 -22.36 -9.57 11.99
CA THR B 147 -21.91 -10.93 12.23
CA THR B 147 -21.91 -10.93 12.23
C THR B 147 -20.74 -11.29 11.33
N GLU B 148 -19.87 -12.19 11.81
CA GLU B 148 -18.69 -12.63 11.07
C GLU B 148 -19.06 -13.05 9.66
N GLY B 149 -18.32 -12.52 8.69
CA GLY B 149 -18.58 -12.81 7.29
C GLY B 149 -19.37 -11.72 6.59
N GLU B 150 -20.10 -10.92 7.37
CA GLU B 150 -20.81 -9.77 6.82
C GLU B 150 -19.93 -8.53 6.89
N GLY B 151 -20.09 -7.62 5.94
CA GLY B 151 -19.26 -6.43 5.90
C GLY B 151 -17.79 -6.75 5.63
N GLU B 152 -17.55 -7.85 4.94
CA GLU B 152 -16.21 -8.24 4.55
C GLU B 152 -15.87 -7.58 3.22
N TYR B 153 -14.90 -6.66 3.24
CA TYR B 153 -14.49 -5.97 2.02
C TYR B 153 -13.44 -6.77 1.28
N GLU B 154 -13.73 -7.11 0.03
CA GLU B 154 -12.87 -7.99 -0.75
C GLU B 154 -11.89 -7.24 -1.62
N GLY B 155 -12.06 -5.92 -1.71
CA GLY B 155 -11.34 -5.13 -2.69
C GLY B 155 -10.04 -4.51 -2.21
N GLY B 156 -9.61 -4.86 -1.01
CA GLY B 156 -8.39 -4.29 -0.48
C GLY B 156 -7.75 -5.15 0.59
N SER B 157 -6.45 -4.95 0.76
CA SER B 157 -5.67 -5.68 1.75
C SER B 157 -4.87 -4.69 2.60
N ASN B 158 -4.58 -5.07 3.84
CA ASN B 158 -3.69 -4.31 4.70
C ASN B 158 -2.21 -4.64 4.45
N ASP B 159 -1.94 -5.50 3.47
CA ASP B 159 -0.56 -5.94 3.21
C ASP B 159 0.40 -4.77 2.95
N PHE B 160 -0.12 -3.68 2.39
CA PHE B 160 0.71 -2.52 2.08
C PHE B 160 1.48 -2.00 3.29
N VAL B 161 0.88 -2.13 4.47
CA VAL B 161 1.52 -1.63 5.68
C VAL B 161 2.88 -2.30 5.92
N TYR B 162 2.99 -3.57 5.57
CA TYR B 162 4.22 -4.33 5.79
C TYR B 162 5.38 -3.87 4.91
N SER B 163 5.07 -3.27 3.77
CA SER B 163 6.11 -2.72 2.90
C SER B 163 6.67 -1.42 3.46
N ILE B 164 5.99 -0.86 4.45
CA ILE B 164 6.32 0.48 4.93
C ILE B 164 6.81 0.45 6.37
N TRP B 165 5.94 0.00 7.27
CA TRP B 165 6.26 -0.13 8.68
C TRP B 165 6.93 -1.48 8.92
N LYS B 166 8.06 -1.46 9.63
CA LYS B 166 8.88 -2.64 9.77
C LYS B 166 8.88 -3.20 11.19
N GLY B 167 7.95 -2.73 12.02
CA GLY B 167 7.83 -3.21 13.37
C GLY B 167 6.70 -4.23 13.53
N PRO B 168 6.35 -4.56 14.77
CA PRO B 168 5.29 -5.54 14.99
C PRO B 168 3.95 -5.02 14.49
N VAL B 169 3.13 -5.94 13.98
CA VAL B 169 1.80 -5.62 13.49
C VAL B 169 0.80 -6.59 14.11
N ILE B 170 -0.18 -6.05 14.82
CA ILE B 170 -1.30 -6.84 15.31
C ILE B 170 -2.43 -6.71 14.31
N ARG B 171 -3.02 -7.84 13.91
CA ARG B 171 -4.13 -7.84 12.96
C ARG B 171 -5.36 -8.43 13.63
N ALA B 172 -6.50 -7.74 13.51
CA ALA B 172 -7.74 -8.21 14.12
C ALA B 172 -8.89 -8.22 13.13
N GLY B 173 -9.76 -9.21 13.23
CA GLY B 173 -10.98 -9.24 12.45
C GLY B 173 -11.34 -10.62 11.94
N ASN B 174 -12.28 -11.26 12.60
CA ASN B 174 -12.82 -12.56 12.17
C ASN B 174 -11.74 -13.63 12.01
N PHE B 175 -10.83 -13.71 12.97
CA PHE B 175 -9.77 -14.72 12.90
C PHE B 175 -10.06 -15.99 13.71
N ALA B 176 -10.92 -15.90 14.71
CA ALA B 176 -11.19 -17.06 15.57
C ALA B 176 -11.81 -18.21 14.78
N LEU B 177 -12.72 -17.88 13.87
CA LEU B 177 -13.40 -18.89 13.07
C LEU B 177 -12.59 -19.31 11.86
N HIS B 178 -11.40 -18.73 11.70
CA HIS B 178 -10.60 -18.96 10.50
C HIS B 178 -9.14 -19.26 10.78
N PRO B 179 -8.87 -20.39 11.46
CA PRO B 179 -7.49 -20.77 11.76
C PRO B 179 -6.66 -20.98 10.49
N GLU B 180 -7.31 -21.31 9.38
CA GLU B 180 -6.61 -21.52 8.13
C GLU B 180 -5.98 -20.21 7.63
N VAL B 181 -6.64 -19.09 7.91
CA VAL B 181 -6.10 -17.79 7.56
C VAL B 181 -4.96 -17.40 8.51
N VAL B 182 -5.20 -17.58 9.81
CA VAL B 182 -4.17 -17.30 10.81
C VAL B 182 -2.88 -18.10 10.56
N ARG B 183 -3.03 -19.37 10.22
CA ARG B 183 -1.87 -20.23 9.94
C ARG B 183 -0.97 -19.62 8.86
N GLU B 184 -1.57 -19.00 7.86
CA GLU B 184 -0.78 -18.38 6.80
C GLU B 184 -0.20 -17.03 7.25
N GLU B 185 -1.02 -16.24 7.93
CA GLU B 185 -0.60 -14.88 8.29
C GLU B 185 0.52 -14.85 9.33
N VAL B 186 0.54 -15.81 10.25
CA VAL B 186 1.59 -15.81 11.28
C VAL B 186 2.93 -16.36 10.78
N LYS B 187 2.97 -16.82 9.52
CA LYS B 187 4.24 -17.18 8.91
C LYS B 187 5.14 -15.95 8.84
N ASP B 188 4.53 -14.77 8.78
CA ASP B 188 5.27 -13.53 8.94
C ASP B 188 5.67 -13.39 10.41
N LYS B 189 6.96 -13.23 10.65
CA LYS B 189 7.51 -13.35 12.00
C LYS B 189 7.27 -12.15 12.91
N ARG B 190 6.64 -11.09 12.40
CA ARG B 190 6.31 -9.94 13.23
C ARG B 190 4.80 -9.68 13.29
N THR B 191 4.01 -10.71 13.00
CA THR B 191 2.56 -10.62 13.00
C THR B 191 1.93 -11.24 14.25
N LEU B 192 1.04 -10.48 14.89
CA LEU B 192 0.25 -10.97 16.01
C LEU B 192 -1.21 -10.92 15.60
N ILE B 193 -2.05 -11.71 16.25
CA ILE B 193 -3.45 -11.80 15.90
C ILE B 193 -4.33 -11.40 17.07
N GLY B 194 -5.17 -10.39 16.86
CA GLY B 194 -6.14 -10.00 17.86
C GLY B 194 -7.44 -10.76 17.68
N TYR B 195 -7.96 -11.29 18.78
CA TYR B 195 -9.22 -12.01 18.78
C TYR B 195 -10.20 -11.31 19.71
N GLY B 196 -11.25 -10.71 19.14
CA GLY B 196 -12.16 -9.88 19.90
C GLY B 196 -13.37 -10.61 20.45
N ARG B 197 -14.39 -10.76 19.61
CA ARG B 197 -15.67 -11.31 20.06
C ARG B 197 -15.55 -12.69 20.72
N PHE B 198 -14.66 -13.53 20.22
CA PHE B 198 -14.52 -14.84 20.82
C PHE B 198 -13.68 -14.86 22.10
N PHE B 199 -12.97 -13.76 22.38
CA PHE B 199 -12.36 -13.60 23.69
C PHE B 199 -13.39 -13.14 24.72
N ILE B 200 -14.45 -12.48 24.26
CA ILE B 200 -15.57 -12.18 25.15
C ILE B 200 -16.15 -13.48 25.70
N SER B 201 -16.37 -14.45 24.81
CA SER B 201 -17.06 -15.68 25.20
C SER B 201 -16.17 -16.84 25.63
N ASN B 202 -14.86 -16.73 25.37
CA ASN B 202 -13.91 -17.78 25.75
C ASN B 202 -12.75 -17.23 26.55
N PRO B 203 -12.85 -17.27 27.89
CA PRO B 203 -11.76 -16.70 28.68
C PRO B 203 -10.44 -17.46 28.49
N ASP B 204 -10.56 -18.75 28.16
CA ASP B 204 -9.39 -19.58 27.86
C ASP B 204 -9.17 -19.74 26.36
N LEU B 205 -9.42 -18.67 25.61
CA LEU B 205 -9.32 -18.76 24.15
C LEU B 205 -7.93 -19.21 23.70
N VAL B 206 -6.88 -18.75 24.38
CA VAL B 206 -5.53 -19.11 23.97
C VAL B 206 -5.32 -20.63 24.00
N ASP B 207 -5.71 -21.28 25.10
CA ASP B 207 -5.68 -22.74 25.18
C ASP B 207 -6.45 -23.38 24.02
N ARG B 208 -7.63 -22.85 23.73
CA ARG B 208 -8.47 -23.41 22.68
C ARG B 208 -7.85 -23.28 21.31
N LEU B 209 -7.16 -22.17 21.07
CA LEU B 209 -6.43 -21.96 19.82
C LEU B 209 -5.25 -22.93 19.70
N GLU B 210 -4.52 -23.10 20.80
CA GLU B 210 -3.34 -23.96 20.79
C GLU B 210 -3.70 -25.40 20.49
N LYS B 211 -4.80 -25.86 21.08
CA LYS B 211 -5.15 -27.27 21.08
C LYS B 211 -6.24 -27.64 20.08
N GLY B 212 -6.84 -26.65 19.44
CA GLY B 212 -7.89 -26.89 18.48
C GLY B 212 -9.19 -27.36 19.13
N LEU B 213 -9.64 -26.63 20.14
CA LEU B 213 -10.86 -26.96 20.87
C LEU B 213 -12.05 -26.20 20.32
N PRO B 214 -13.27 -26.71 20.57
CA PRO B 214 -14.49 -25.98 20.18
C PRO B 214 -14.56 -24.62 20.86
N LEU B 215 -15.30 -23.69 20.27
CA LEU B 215 -15.45 -22.33 20.83
C LEU B 215 -16.83 -22.11 21.42
N ASN B 216 -16.88 -21.49 22.60
CA ASN B 216 -18.15 -21.04 23.16
C ASN B 216 -18.78 -20.03 22.23
N LYS B 217 -20.07 -20.18 21.95
CA LYS B 217 -20.82 -19.13 21.27
C LYS B 217 -20.81 -17.87 22.13
N TYR B 218 -20.84 -16.71 21.47
CA TYR B 218 -21.03 -15.47 22.22
C TYR B 218 -22.48 -15.02 22.22
N ASP B 219 -22.82 -14.18 23.18
CA ASP B 219 -24.17 -13.62 23.29
C ASP B 219 -24.09 -12.12 23.09
N ARG B 220 -24.45 -11.67 21.88
CA ARG B 220 -24.34 -10.25 21.55
C ARG B 220 -25.19 -9.37 22.46
N ASP B 221 -26.29 -9.91 22.98
CA ASP B 221 -27.19 -9.13 23.82
C ASP B 221 -26.55 -8.66 25.12
N THR B 222 -25.49 -9.32 25.54
CA THR B 222 -24.79 -8.95 26.76
C THR B 222 -23.40 -8.36 26.52
N PHE B 223 -23.10 -8.01 25.28
CA PHE B 223 -21.85 -7.30 24.99
C PHE B 223 -21.81 -5.99 25.75
N TYR B 224 -22.89 -5.22 25.65
CA TYR B 224 -23.07 -3.99 26.41
C TYR B 224 -24.27 -4.19 27.33
N GLN B 225 -24.01 -4.34 28.62
CA GLN B 225 -25.08 -4.49 29.61
C GLN B 225 -24.48 -4.36 30.99
N MET B 226 -25.25 -3.80 31.93
CA MET B 226 -24.76 -3.70 33.30
C MET B 226 -25.08 -4.97 34.05
N SER B 227 -24.27 -6.01 33.80
CA SER B 227 -24.51 -7.32 34.39
CA SER B 227 -24.50 -7.31 34.42
C SER B 227 -23.25 -8.17 34.41
N ALA B 228 -23.16 -9.05 35.40
CA ALA B 228 -22.10 -10.05 35.43
C ALA B 228 -22.38 -11.10 34.34
N HIS B 229 -23.65 -11.29 34.04
CA HIS B 229 -24.07 -12.23 33.00
C HIS B 229 -23.53 -11.78 31.64
N GLY B 230 -22.90 -12.70 30.92
CA GLY B 230 -22.31 -12.38 29.63
C GLY B 230 -21.02 -11.60 29.77
N TYR B 231 -20.47 -11.55 30.99
CA TYR B 231 -19.24 -10.80 31.27
C TYR B 231 -18.24 -11.73 31.95
N ILE B 232 -18.61 -12.28 33.11
CA ILE B 232 -17.71 -13.13 33.87
C ILE B 232 -18.22 -14.57 34.06
N ASP B 233 -19.30 -14.93 33.38
CA ASP B 233 -19.86 -16.27 33.55
C ASP B 233 -19.76 -17.18 32.31
N TYR B 234 -18.91 -16.81 31.37
CA TYR B 234 -18.57 -17.73 30.28
C TYR B 234 -17.54 -18.72 30.80
N PRO B 235 -17.75 -20.02 30.55
CA PRO B 235 -16.86 -21.05 31.10
C PRO B 235 -15.60 -21.29 30.27
N THR B 236 -14.55 -21.77 30.95
CA THR B 236 -13.42 -22.36 30.26
C THR B 236 -13.90 -23.66 29.64
N TYR B 237 -13.07 -24.27 28.80
CA TYR B 237 -13.48 -25.51 28.13
C TYR B 237 -13.78 -26.62 29.12
N GLU B 238 -12.92 -26.79 30.13
CA GLU B 238 -13.15 -27.81 31.16
C GLU B 238 -14.42 -27.53 31.95
N GLU B 239 -14.65 -26.26 32.28
CA GLU B 239 -15.86 -25.87 33.00
C GLU B 239 -17.10 -26.18 32.15
N ALA B 240 -17.01 -25.90 30.86
CA ALA B 240 -18.10 -26.18 29.93
C ALA B 240 -18.39 -27.68 29.89
N LEU B 241 -17.35 -28.49 29.82
CA LEU B 241 -17.54 -29.94 29.84
C LEU B 241 -18.19 -30.41 31.13
N LYS B 242 -17.80 -29.80 32.25
CA LYS B 242 -18.39 -30.15 33.53
C LYS B 242 -19.87 -29.84 33.55
N LEU B 243 -20.25 -28.74 32.90
CA LEU B 243 -21.64 -28.32 32.78
C LEU B 243 -22.43 -29.16 31.77
N GLY B 244 -21.73 -30.02 31.04
CA GLY B 244 -22.38 -30.90 30.07
C GLY B 244 -22.60 -30.23 28.72
N TRP B 245 -21.85 -29.17 28.44
CA TRP B 245 -21.99 -28.47 27.17
C TRP B 245 -21.59 -29.38 26.01
N GLY B 246 -22.43 -29.40 24.98
CA GLY B 246 -22.19 -30.21 23.81
C GLY B 246 -22.12 -29.36 22.56
N THR B 247 -22.43 -29.96 21.41
CA THR B 247 -22.29 -29.26 20.13
C THR B 247 -23.15 -28.00 20.01
N SER B 248 -24.30 -28.00 20.69
CA SER B 248 -25.23 -26.87 20.59
C SER B 248 -24.77 -25.66 21.40
N SER B 249 -23.85 -25.85 22.32
CA SER B 249 -23.32 -24.76 23.12
C SER B 249 -22.09 -24.13 22.47
N PHE B 250 -21.48 -24.87 21.55
CA PHE B 250 -20.31 -24.40 20.85
C PHE B 250 -20.69 -23.96 19.44
N VAL B 251 -19.83 -23.18 18.81
CA VAL B 251 -20.10 -22.67 17.47
C VAL B 251 -20.41 -23.80 16.48
N LYS B 252 -21.51 -23.65 15.76
CA LYS B 252 -21.98 -24.68 14.83
C LYS B 252 -21.03 -24.88 13.66
N ASP B 253 -20.68 -26.15 13.41
CA ASP B 253 -19.88 -26.54 12.25
C ASP B 253 -18.45 -26.02 12.24
N PHE B 254 -18.03 -25.37 13.32
CA PHE B 254 -16.66 -24.92 13.42
C PHE B 254 -15.73 -26.13 13.52
N LYS B 255 -14.76 -26.19 12.61
CA LYS B 255 -13.76 -27.24 12.64
C LYS B 255 -12.43 -26.66 13.07
N PRO B 256 -12.10 -26.79 14.36
CA PRO B 256 -10.90 -26.16 14.92
C PRO B 256 -9.60 -26.78 14.41
N GLN B 257 -8.56 -25.97 14.36
CA GLN B 257 -7.20 -26.45 14.11
C GLN B 257 -6.38 -26.19 15.35
N ALA B 258 -5.49 -27.11 15.68
CA ALA B 258 -4.49 -26.84 16.71
C ALA B 258 -3.43 -25.94 16.09
N LEU B 259 -3.26 -24.75 16.65
CA LEU B 259 -2.31 -23.78 16.10
C LEU B 259 -1.01 -23.73 16.89
N GLY B 260 -0.85 -24.67 17.82
CA GLY B 260 0.34 -24.71 18.67
C GLY B 260 1.65 -24.92 17.93
N ASP B 261 1.58 -25.39 16.69
CA ASP B 261 2.77 -25.66 15.89
C ASP B 261 3.13 -24.48 14.98
N THR B 262 2.47 -23.34 15.20
CA THR B 262 2.72 -22.16 14.38
C THR B 262 3.38 -21.05 15.19
N ASN B 263 3.76 -19.97 14.51
CA ASN B 263 4.34 -18.81 15.18
C ASN B 263 3.39 -18.13 16.16
N LEU B 264 2.09 -18.48 16.09
CA LEU B 264 1.15 -17.94 17.07
C LEU B 264 1.57 -18.30 18.48
N PHE B 265 2.34 -19.38 18.62
CA PHE B 265 2.81 -19.82 19.92
C PHE B 265 4.32 -19.74 20.11
N LYS B 266 4.93 -18.80 19.40
CA LYS B 266 6.32 -18.43 19.62
C LYS B 266 6.34 -17.09 20.36
N PRO B 267 7.28 -16.93 21.30
CA PRO B 267 7.36 -15.67 22.04
C PRO B 267 7.77 -14.50 21.16
N ILE B 268 7.41 -13.30 21.58
CA ILE B 268 7.78 -12.10 20.86
C ILE B 268 7.83 -10.93 21.83
N LYS B 269 8.78 -10.02 21.62
CA LYS B 269 8.86 -8.84 22.46
C LYS B 269 7.99 -7.72 21.89
N ILE B 270 7.10 -7.21 22.73
CA ILE B 270 6.29 -6.05 22.37
C ILE B 270 6.50 -5.00 23.44
N GLY B 271 7.08 -3.86 23.06
CA GLY B 271 7.44 -2.86 24.03
C GLY B 271 8.45 -3.44 24.99
N ASN B 272 8.15 -3.33 26.28
CA ASN B 272 9.04 -3.87 27.32
C ASN B 272 8.70 -5.30 27.72
N ASN B 273 7.65 -5.86 27.11
CA ASN B 273 7.13 -7.15 27.54
C ASN B 273 7.50 -8.30 26.62
N GLU B 274 7.88 -9.43 27.21
CA GLU B 274 8.08 -10.65 26.45
C GLU B 274 6.79 -11.47 26.44
N LEU B 275 6.04 -11.35 25.36
CA LEU B 275 4.84 -12.16 25.21
CA LEU B 275 4.83 -12.15 25.19
C LEU B 275 5.24 -13.61 24.99
N LEU B 276 4.45 -14.53 25.52
CA LEU B 276 4.75 -15.95 25.35
C LEU B 276 4.01 -16.57 24.17
N HIS B 277 3.07 -15.83 23.61
CA HIS B 277 2.34 -16.24 22.42
C HIS B 277 1.78 -14.96 21.80
N ARG B 278 1.23 -15.09 20.59
CA ARG B 278 0.88 -13.91 19.79
C ARG B 278 -0.63 -13.73 19.60
N ALA B 279 -1.42 -14.37 20.46
CA ALA B 279 -2.85 -14.14 20.51
C ALA B 279 -3.13 -12.99 21.46
N VAL B 280 -3.63 -11.88 20.92
CA VAL B 280 -3.80 -10.65 21.66
C VAL B 280 -5.28 -10.40 21.93
N ILE B 281 -5.61 -9.88 23.12
CA ILE B 281 -6.96 -9.38 23.34
C ILE B 281 -7.03 -7.94 22.87
N PRO B 282 -7.81 -7.68 21.81
CA PRO B 282 -7.96 -6.31 21.34
C PRO B 282 -8.90 -5.56 22.27
N PRO B 283 -8.93 -4.24 22.16
CA PRO B 283 -9.83 -3.45 23.01
C PRO B 283 -11.30 -3.81 22.76
N LEU B 284 -12.04 -4.02 23.85
CA LEU B 284 -13.45 -4.39 23.76
C LEU B 284 -14.26 -3.65 24.81
N THR B 285 -14.96 -2.61 24.37
CA THR B 285 -15.90 -1.88 25.21
C THR B 285 -17.00 -2.82 25.71
N ARG B 286 -17.27 -2.79 27.01
CA ARG B 286 -18.26 -3.69 27.60
C ARG B 286 -19.34 -2.97 28.39
N MET B 287 -19.15 -1.67 28.62
CA MET B 287 -20.17 -0.85 29.29
C MET B 287 -20.56 -1.28 30.71
N ARG B 288 -19.59 -1.78 31.47
CA ARG B 288 -19.84 -2.07 32.89
C ARG B 288 -19.32 -0.98 33.83
N ALA B 289 -18.71 0.07 33.29
CA ALA B 289 -18.22 1.15 34.15
C ALA B 289 -19.38 1.90 34.78
N LEU B 290 -19.16 2.45 35.96
CA LEU B 290 -20.23 3.06 36.75
CA LEU B 290 -20.24 3.06 36.74
C LEU B 290 -20.40 4.55 36.50
N HIS B 291 -21.65 4.99 36.55
CA HIS B 291 -22.03 6.39 36.39
C HIS B 291 -22.75 6.82 37.67
N PRO B 292 -22.42 8.01 38.20
CA PRO B 292 -21.49 8.99 37.66
C PRO B 292 -20.02 8.64 37.88
N GLY B 293 -19.15 9.22 37.07
CA GLY B 293 -17.72 9.11 37.29
C GLY B 293 -16.94 8.28 36.29
N ASN B 294 -17.62 7.52 35.44
CA ASN B 294 -16.96 6.63 34.48
C ASN B 294 -15.93 5.74 35.17
N ILE B 295 -16.34 5.09 36.25
CA ILE B 295 -15.45 4.31 37.08
CA ILE B 295 -15.46 4.29 37.09
C ILE B 295 -15.45 2.84 36.68
N PRO B 296 -14.25 2.27 36.44
CA PRO B 296 -14.18 0.83 36.14
C PRO B 296 -14.92 0.02 37.20
N ASN B 297 -15.67 -0.98 36.77
CA ASN B 297 -16.57 -1.72 37.65
C ASN B 297 -15.87 -2.41 38.81
N ARG B 298 -16.21 -2.00 40.03
CA ARG B 298 -15.55 -2.49 41.23
C ARG B 298 -15.98 -3.90 41.62
N ASP B 299 -17.07 -4.38 41.04
CA ASP B 299 -17.59 -5.72 41.34
C ASP B 299 -17.03 -6.80 40.43
N TRP B 300 -16.89 -6.47 39.14
CA TRP B 300 -16.70 -7.50 38.12
C TRP B 300 -15.49 -7.33 37.20
N ALA B 301 -14.98 -6.11 37.07
CA ALA B 301 -13.93 -5.86 36.07
C ALA B 301 -12.63 -6.62 36.38
N VAL B 302 -12.23 -6.65 37.64
CA VAL B 302 -11.03 -7.38 38.00
C VAL B 302 -11.15 -8.86 37.62
N GLU B 303 -12.29 -9.47 37.93
CA GLU B 303 -12.51 -10.88 37.57
C GLU B 303 -12.52 -11.09 36.06
N TYR B 304 -13.17 -10.19 35.33
CA TYR B 304 -13.22 -10.26 33.86
C TYR B 304 -11.82 -10.31 33.26
N TYR B 305 -10.98 -9.38 33.67
CA TYR B 305 -9.62 -9.33 33.14
C TYR B 305 -8.74 -10.46 33.68
N THR B 306 -8.96 -10.86 34.94
CA THR B 306 -8.22 -11.98 35.51
C THR B 306 -8.46 -13.25 34.72
N GLN B 307 -9.73 -13.52 34.42
CA GLN B 307 -10.11 -14.68 33.63
C GLN B 307 -9.40 -14.70 32.29
N ARG B 308 -9.36 -13.55 31.63
CA ARG B 308 -8.80 -13.46 30.29
C ARG B 308 -7.28 -13.30 30.27
N ALA B 309 -6.68 -13.12 31.44
CA ALA B 309 -5.23 -13.06 31.58
C ALA B 309 -4.65 -14.44 31.95
N GLN B 310 -5.51 -15.45 32.03
CA GLN B 310 -5.14 -16.73 32.62
C GLN B 310 -3.97 -17.45 31.96
N ARG B 311 -3.84 -17.29 30.64
CA ARG B 311 -2.69 -17.87 29.95
C ARG B 311 -1.49 -16.95 30.15
N PRO B 312 -0.42 -17.45 30.77
CA PRO B 312 0.73 -16.59 31.03
C PRO B 312 1.28 -15.95 29.75
N GLY B 313 1.71 -14.69 29.87
CA GLY B 313 2.34 -14.00 28.77
C GLY B 313 1.39 -13.51 27.69
N THR B 314 0.14 -13.28 28.06
CA THR B 314 -0.87 -12.74 27.14
C THR B 314 -0.83 -11.23 27.14
N MET B 315 -0.85 -10.63 25.95
CA MET B 315 -1.03 -9.19 25.83
C MET B 315 -2.51 -8.83 25.81
N ILE B 316 -2.92 -7.98 26.76
CA ILE B 316 -4.28 -7.52 26.84
C ILE B 316 -4.34 -6.02 26.58
N ILE B 317 -5.16 -5.61 25.63
CA ILE B 317 -5.44 -4.19 25.44
C ILE B 317 -6.81 -3.93 26.06
N THR B 318 -6.89 -2.95 26.96
CA THR B 318 -8.16 -2.67 27.64
C THR B 318 -9.22 -2.16 26.69
N GLU B 319 -10.47 -2.27 27.13
CA GLU B 319 -11.56 -1.49 26.57
C GLU B 319 -11.14 -0.04 26.42
N GLY B 320 -11.70 0.65 25.43
CA GLY B 320 -11.43 2.07 25.27
C GLY B 320 -11.67 2.83 26.57
N ALA B 321 -10.75 3.72 26.92
CA ALA B 321 -10.87 4.51 28.14
C ALA B 321 -10.75 5.99 27.81
N PHE B 322 -11.73 6.77 28.25
CA PHE B 322 -11.76 8.20 27.93
C PHE B 322 -10.63 8.95 28.63
N ILE B 323 -9.98 9.85 27.89
CA ILE B 323 -8.87 10.61 28.45
C ILE B 323 -9.32 11.80 29.29
N SER B 324 -10.59 12.19 29.17
CA SER B 324 -11.14 13.35 29.87
C SER B 324 -12.65 13.32 29.72
N PRO B 325 -13.37 14.11 30.53
CA PRO B 325 -14.83 14.18 30.33
C PRO B 325 -15.21 14.61 28.91
N GLN B 326 -14.52 15.61 28.37
CA GLN B 326 -14.82 16.11 27.03
C GLN B 326 -14.60 15.04 25.94
N ALA B 327 -13.70 14.09 26.22
CA ALA B 327 -13.42 13.00 25.28
C ALA B 327 -14.51 11.92 25.27
N GLY B 328 -15.40 11.96 26.26
CA GLY B 328 -16.35 10.87 26.46
C GLY B 328 -17.74 11.10 25.90
N GLY B 329 -18.75 10.61 26.61
CA GLY B 329 -20.12 10.72 26.14
C GLY B 329 -20.91 9.43 26.25
N TYR B 330 -20.24 8.37 26.70
CA TYR B 330 -20.91 7.12 27.05
C TYR B 330 -20.80 6.97 28.56
N ASP B 331 -21.95 6.93 29.25
CA ASP B 331 -21.95 6.94 30.72
C ASP B 331 -21.27 5.72 31.34
N ASN B 332 -21.31 4.59 30.64
CA ASN B 332 -20.81 3.34 31.21
C ASN B 332 -19.50 2.83 30.62
N ALA B 333 -18.77 3.70 29.94
CA ALA B 333 -17.40 3.39 29.53
C ALA B 333 -16.46 4.06 30.52
N PRO B 334 -15.31 3.44 30.81
CA PRO B 334 -14.44 3.99 31.85
C PRO B 334 -13.55 5.14 31.36
N GLY B 335 -13.06 5.93 32.31
CA GLY B 335 -12.08 6.96 32.02
C GLY B 335 -10.75 6.69 32.72
N VAL B 336 -9.74 7.46 32.36
CA VAL B 336 -8.43 7.41 33.00
C VAL B 336 -7.93 8.80 33.35
N TRP B 337 -8.83 9.68 33.78
CA TRP B 337 -8.44 11.03 34.16
C TRP B 337 -8.50 11.32 35.67
N SER B 338 -9.24 10.50 36.43
CA SER B 338 -9.46 10.80 37.83
C SER B 338 -8.81 9.80 38.79
N GLU B 339 -8.56 10.24 40.01
CA GLU B 339 -7.98 9.37 41.03
C GLU B 339 -8.86 8.16 41.31
N GLU B 340 -10.17 8.36 41.40
CA GLU B 340 -11.08 7.26 41.69
C GLU B 340 -11.07 6.21 40.57
N GLN B 341 -10.93 6.67 39.33
CA GLN B 341 -10.79 5.73 38.22
C GLN B 341 -9.50 4.93 38.35
N MET B 342 -8.40 5.62 38.63
CA MET B 342 -7.10 4.97 38.63
C MET B 342 -6.94 3.96 39.77
N VAL B 343 -7.60 4.21 40.90
CA VAL B 343 -7.59 3.24 41.98
C VAL B 343 -8.13 1.89 41.49
N GLU B 344 -9.21 1.93 40.72
CA GLU B 344 -9.77 0.70 40.18
C GLU B 344 -8.90 0.10 39.08
N TRP B 345 -8.38 0.93 38.19
CA TRP B 345 -7.47 0.44 37.16
C TRP B 345 -6.24 -0.25 37.75
N THR B 346 -5.70 0.30 38.83
CA THR B 346 -4.55 -0.30 39.49
C THR B 346 -4.84 -1.73 39.92
N LYS B 347 -6.05 -1.97 40.44
CA LYS B 347 -6.46 -3.32 40.83
C LYS B 347 -6.52 -4.25 39.62
N ILE B 348 -7.03 -3.74 38.50
CA ILE B 348 -7.12 -4.51 37.27
C ILE B 348 -5.73 -4.86 36.76
N PHE B 349 -4.84 -3.86 36.71
CA PHE B 349 -3.48 -4.10 36.24
C PHE B 349 -2.76 -5.10 37.13
N ASN B 350 -2.93 -4.94 38.45
CA ASN B 350 -2.35 -5.88 39.41
CA ASN B 350 -2.34 -5.88 39.39
C ASN B 350 -2.77 -7.31 39.12
N ALA B 351 -4.06 -7.49 38.87
CA ALA B 351 -4.61 -8.83 38.62
C ALA B 351 -4.02 -9.45 37.36
N ILE B 352 -3.90 -8.65 36.32
CA ILE B 352 -3.33 -9.14 35.06
C ILE B 352 -1.87 -9.52 35.24
N HIS B 353 -1.13 -8.68 35.95
CA HIS B 353 0.28 -8.95 36.22
C HIS B 353 0.49 -10.16 37.12
N GLU B 354 -0.44 -10.39 38.04
CA GLU B 354 -0.37 -11.56 38.91
C GLU B 354 -0.47 -12.84 38.09
N LYS B 355 -1.19 -12.76 36.97
CA LYS B 355 -1.33 -13.89 36.06
CA LYS B 355 -1.33 -13.90 36.06
C LYS B 355 -0.20 -13.95 35.03
N LYS B 356 0.82 -13.11 35.23
CA LYS B 356 2.01 -13.08 34.38
C LYS B 356 1.70 -12.62 32.96
N SER B 357 0.66 -11.80 32.84
CA SER B 357 0.29 -11.25 31.55
C SER B 357 0.52 -9.73 31.54
N PHE B 358 0.15 -9.07 30.44
CA PHE B 358 0.51 -7.68 30.24
C PHE B 358 -0.70 -6.86 29.84
N VAL B 359 -0.66 -5.57 30.12
CA VAL B 359 -1.83 -4.73 29.90
C VAL B 359 -1.50 -3.36 29.31
N TRP B 360 -2.20 -3.05 28.22
CA TRP B 360 -2.06 -1.79 27.52
C TRP B 360 -3.39 -1.06 27.55
N VAL B 361 -3.40 0.19 28.00
CA VAL B 361 -4.64 0.96 28.06
C VAL B 361 -4.94 1.62 26.71
N GLN B 362 -6.11 1.36 26.15
CA GLN B 362 -6.50 2.09 24.95
C GLN B 362 -7.07 3.46 25.31
N LEU B 363 -6.49 4.50 24.74
CA LEU B 363 -6.90 5.89 25.03
C LEU B 363 -7.88 6.34 23.97
N TRP B 364 -9.09 6.69 24.41
CA TRP B 364 -10.25 6.85 23.54
C TRP B 364 -10.81 8.26 23.58
N VAL B 365 -11.11 8.80 22.40
CA VAL B 365 -11.80 10.08 22.25
C VAL B 365 -12.89 9.90 21.20
N LEU B 366 -14.13 10.22 21.55
CA LEU B 366 -15.28 9.81 20.73
C LEU B 366 -15.56 10.64 19.47
N GLY B 367 -15.39 11.95 19.57
CA GLY B 367 -15.81 12.82 18.49
C GLY B 367 -17.29 12.64 18.18
N TRP B 368 -17.62 12.52 16.90
CA TRP B 368 -19.03 12.54 16.50
C TRP B 368 -19.84 11.30 16.87
N ALA B 369 -19.17 10.27 17.38
CA ALA B 369 -19.86 9.07 17.83
C ALA B 369 -20.42 9.20 19.25
N ALA B 370 -20.09 10.29 19.93
CA ALA B 370 -20.61 10.53 21.28
C ALA B 370 -22.10 10.80 21.25
N PHE B 371 -22.74 10.70 22.42
CA PHE B 371 -24.13 11.08 22.57
C PHE B 371 -24.19 12.54 23.00
N PRO B 372 -24.65 13.43 22.09
CA PRO B 372 -24.62 14.87 22.39
C PRO B 372 -25.45 15.24 23.62
N ASP B 373 -26.50 14.49 23.91
CA ASP B 373 -27.35 14.75 25.08
C ASP B 373 -26.61 14.53 26.40
N ASN B 374 -25.78 13.50 26.45
CA ASN B 374 -24.97 13.27 27.65
C ASN B 374 -23.97 14.40 27.84
N LEU B 375 -23.34 14.81 26.75
CA LEU B 375 -22.36 15.89 26.81
C LEU B 375 -23.02 17.20 27.23
N ALA B 376 -24.20 17.47 26.68
CA ALA B 376 -24.94 18.70 27.02
C ALA B 376 -25.29 18.73 28.50
N ARG B 377 -25.71 17.57 29.01
CA ARG B 377 -26.04 17.42 30.43
C ARG B 377 -24.85 17.82 31.30
N ASP B 378 -23.65 17.51 30.81
CA ASP B 378 -22.43 17.73 31.57
C ASP B 378 -21.72 19.04 31.21
N GLY B 379 -22.37 19.85 30.36
CA GLY B 379 -21.82 21.13 29.97
C GLY B 379 -20.64 21.02 29.02
N LEU B 380 -20.64 19.96 28.21
CA LEU B 380 -19.52 19.68 27.30
C LEU B 380 -19.93 19.84 25.85
N ARG B 381 -18.94 20.08 24.98
CA ARG B 381 -19.18 20.20 23.54
C ARG B 381 -19.45 18.84 22.92
N TYR B 382 -20.03 18.85 21.72
CA TYR B 382 -20.12 17.67 20.85
C TYR B 382 -19.14 17.94 19.71
N ASP B 383 -18.00 17.23 19.72
CA ASP B 383 -16.85 17.58 18.88
C ASP B 383 -16.68 16.72 17.64
N SER B 384 -16.13 17.30 16.58
CA SER B 384 -15.59 16.53 15.46
C SER B 384 -14.59 17.37 14.68
N ALA B 385 -14.13 16.85 13.55
CA ALA B 385 -13.23 17.61 12.68
C ALA B 385 -13.95 18.78 12.03
N SER B 386 -15.19 18.55 11.63
CA SER B 386 -15.95 19.52 10.85
C SER B 386 -17.31 19.78 11.50
N ASP B 387 -18.05 20.75 10.97
CA ASP B 387 -19.40 21.00 11.46
C ASP B 387 -20.46 20.96 10.36
N ASN B 388 -20.07 20.46 9.19
CA ASN B 388 -20.97 20.45 8.03
C ASN B 388 -21.14 19.06 7.40
N VAL B 389 -20.57 18.06 8.05
CA VAL B 389 -20.79 16.68 7.66
C VAL B 389 -21.03 15.91 8.95
N PHE B 390 -21.95 14.95 8.90
CA PHE B 390 -22.45 14.34 10.11
C PHE B 390 -22.50 12.82 9.98
N MET B 391 -22.39 12.15 11.11
CA MET B 391 -22.50 10.70 11.15
CA MET B 391 -22.50 10.71 11.14
C MET B 391 -23.94 10.32 10.83
N ASP B 392 -24.13 9.29 10.00
CA ASP B 392 -25.50 8.87 9.69
C ASP B 392 -25.70 7.40 10.05
#